data_1RYD
#
_entry.id   1RYD
#
_cell.length_a   84.525
_cell.length_b   91.382
_cell.length_c   115.473
_cell.angle_alpha   90.00
_cell.angle_beta   90.00
_cell.angle_gamma   90.00
#
_symmetry.space_group_name_H-M   'P 21 21 2'
#
loop_
_entity.id
_entity.type
_entity.pdbx_description
1 polymer 'glucose-fructose oxidoreductase'
2 non-polymer 'ACETATE ION'
3 non-polymer 'NADPH DIHYDRO-NICOTINAMIDE-ADENINE-DINUCLEOTIDE PHOSPHATE'
4 non-polymer alpha-D-glucopyranose
5 non-polymer BETA-MERCAPTOETHANOL
6 water water
#
_entity_poly.entity_id   1
_entity_poly.type   'polypeptide(L)'
_entity_poly.pdbx_seq_one_letter_code
;HHHHHHATLPAGASQVPTTPAGRPMPYAIRPMPEDRRFGYAIVGLGKYALNQILPGFAGCQHSRIEALVSGNAEKAKIVA
AEYGVDPRKIYDYSNFDKIAKDPKIDAVYIILPNSLHAEFAIRAFKAGKHVMCEKPMATSVADCQRMIDAAKAANKKLMI
GYRCHYDPMNRAAVKLIRENQLGKLGMVTTDNSDVMDQNDPAQQWRLRRELAGGGSLMDIGIYGLNGTRYLLGEEPIEVR
AYTYSDPNDERFVEVEDRIIWQMRFRSGALSHGASSYSTTTTSRFSVQGDKAVLLMDPATGYYQNLISVQTPGHANQSMM
PQFIMPANNQFSAQLDHLAEAVINNKPVRSPGEEGMQDVRLIQAIYEAARTGRPVNTDWGYVRQGGY
;
_entity_poly.pdbx_strand_id   A,B
#
# COMPACT_ATOMS: atom_id res chain seq x y z
N ALA A 7 23.77 -48.00 17.93
CA ALA A 7 23.49 -49.23 18.72
C ALA A 7 23.52 -48.96 20.22
N THR A 8 24.34 -48.00 20.64
CA THR A 8 24.43 -47.66 22.06
C THR A 8 24.27 -46.16 22.30
N LEU A 9 23.62 -45.83 23.41
CA LEU A 9 23.39 -44.43 23.77
C LEU A 9 24.72 -43.73 23.92
N PRO A 10 24.79 -42.44 23.51
CA PRO A 10 26.05 -41.71 23.64
C PRO A 10 26.35 -41.52 25.12
N ALA A 11 27.58 -41.09 25.42
CA ALA A 11 28.01 -40.89 26.81
C ALA A 11 27.04 -40.11 27.68
N GLY A 12 26.76 -38.86 27.30
CA GLY A 12 25.87 -38.01 28.05
C GLY A 12 24.51 -38.57 28.46
N ALA A 13 23.86 -39.29 27.56
CA ALA A 13 22.54 -39.85 27.88
C ALA A 13 22.65 -40.82 29.04
N SER A 14 23.40 -41.90 28.85
CA SER A 14 23.56 -42.92 29.88
C SER A 14 24.10 -42.40 31.21
N GLN A 15 24.83 -41.29 31.16
CA GLN A 15 25.41 -40.72 32.37
C GLN A 15 24.47 -39.84 33.18
N VAL A 16 23.26 -39.63 32.67
CA VAL A 16 22.31 -38.82 33.42
C VAL A 16 21.79 -39.71 34.54
N PRO A 17 21.81 -39.22 35.79
CA PRO A 17 21.35 -39.99 36.94
C PRO A 17 19.83 -40.12 37.02
N THR A 18 19.36 -41.34 37.26
CA THR A 18 17.93 -41.59 37.38
C THR A 18 17.45 -41.08 38.72
N THR A 19 18.38 -40.44 39.44
CA THR A 19 18.11 -39.90 40.76
C THR A 19 18.16 -38.37 40.73
N PRO A 20 17.39 -37.70 41.61
CA PRO A 20 17.37 -36.22 41.65
C PRO A 20 18.78 -35.66 41.71
N ALA A 21 19.17 -34.92 40.67
CA ALA A 21 20.51 -34.36 40.63
C ALA A 21 20.57 -33.03 39.88
N GLY A 22 21.31 -32.09 40.45
CA GLY A 22 21.47 -30.79 39.83
C GLY A 22 22.14 -30.98 38.48
N ARG A 23 21.96 -30.00 37.60
CA ARG A 23 22.53 -30.07 36.26
C ARG A 23 23.07 -28.71 35.85
N PRO A 24 23.88 -28.65 34.78
CA PRO A 24 24.42 -27.36 34.35
C PRO A 24 23.33 -26.45 33.82
N MET A 25 23.70 -25.21 33.53
CA MET A 25 22.78 -24.22 33.01
C MET A 25 22.23 -24.66 31.66
N PRO A 26 20.90 -24.61 31.48
CA PRO A 26 20.26 -25.01 30.22
C PRO A 26 20.61 -24.14 29.03
N TYR A 27 20.27 -24.64 27.84
CA TYR A 27 20.50 -23.91 26.59
C TYR A 27 19.56 -22.71 26.57
N ALA A 28 20.05 -21.60 26.01
CA ALA A 28 19.23 -20.39 25.92
C ALA A 28 18.59 -20.23 24.55
N ILE A 29 17.26 -20.35 24.51
CA ILE A 29 16.53 -20.21 23.27
C ILE A 29 15.78 -18.89 23.37
N ARG A 30 16.01 -18.19 24.47
CA ARG A 30 15.35 -16.92 24.73
C ARG A 30 16.27 -15.98 25.50
N PRO A 31 16.15 -14.66 25.24
CA PRO A 31 16.99 -13.67 25.93
C PRO A 31 16.87 -13.82 27.45
N MET A 32 17.98 -14.15 28.10
CA MET A 32 18.00 -14.34 29.55
C MET A 32 18.28 -13.06 30.33
N PRO A 33 17.77 -12.98 31.56
CA PRO A 33 18.03 -11.77 32.34
C PRO A 33 19.52 -11.79 32.71
N GLU A 34 20.12 -10.61 32.85
CA GLU A 34 21.54 -10.54 33.20
C GLU A 34 21.84 -9.65 34.41
N ASP A 35 21.09 -8.56 34.55
CA ASP A 35 21.26 -7.65 35.67
C ASP A 35 20.27 -6.49 35.56
N ARG A 36 20.37 -5.55 36.49
CA ARG A 36 19.50 -4.38 36.50
C ARG A 36 20.30 -3.17 36.98
N ARG A 37 21.52 -3.04 36.47
CA ARG A 37 22.39 -1.93 36.88
C ARG A 37 21.90 -0.53 36.52
N PHE A 38 21.31 -0.38 35.34
CA PHE A 38 20.81 0.92 34.89
C PHE A 38 19.44 1.21 35.51
N GLY A 39 19.33 2.35 36.18
CA GLY A 39 18.08 2.71 36.83
C GLY A 39 17.26 3.75 36.09
N TYR A 40 15.97 3.48 35.94
CA TYR A 40 15.06 4.39 35.23
C TYR A 40 14.03 5.10 36.11
N ALA A 41 13.70 6.31 35.71
CA ALA A 41 12.70 7.12 36.39
C ALA A 41 11.67 7.43 35.31
N ILE A 42 10.51 6.81 35.41
CA ILE A 42 9.44 7.00 34.43
C ILE A 42 8.56 8.21 34.73
N VAL A 43 8.48 9.12 33.76
CA VAL A 43 7.68 10.33 33.90
C VAL A 43 6.45 10.27 32.99
N GLY A 44 5.27 10.33 33.60
CA GLY A 44 4.03 10.29 32.84
C GLY A 44 3.46 8.88 32.81
N LEU A 45 2.57 8.58 33.74
CA LEU A 45 1.98 7.24 33.83
C LEU A 45 0.67 7.12 33.05
N GLY A 46 0.77 7.19 31.73
CA GLY A 46 -0.41 7.07 30.90
C GLY A 46 -0.58 5.71 30.26
N LYS A 47 -1.36 5.69 29.18
CA LYS A 47 -1.67 4.49 28.43
C LYS A 47 -0.43 3.73 27.97
N TYR A 48 0.44 4.41 27.23
CA TYR A 48 1.65 3.78 26.72
C TYR A 48 2.59 3.32 27.84
N ALA A 49 2.79 4.18 28.83
CA ALA A 49 3.66 3.86 29.95
C ALA A 49 3.23 2.60 30.71
N LEU A 50 1.94 2.50 31.03
CA LEU A 50 1.43 1.35 31.78
C LEU A 50 1.08 0.11 30.97
N ASN A 51 0.79 0.28 29.68
CA ASN A 51 0.46 -0.86 28.83
C ASN A 51 1.69 -1.46 28.18
N GLN A 52 2.59 -0.61 27.70
CA GLN A 52 3.79 -1.06 27.00
C GLN A 52 5.15 -0.92 27.70
N ILE A 53 5.49 0.29 28.17
CA ILE A 53 6.79 0.49 28.77
C ILE A 53 7.06 -0.15 30.12
N LEU A 54 6.14 0.01 31.06
CA LEU A 54 6.35 -0.57 32.37
C LEU A 54 6.46 -2.09 32.28
N PRO A 55 5.50 -2.75 31.60
CA PRO A 55 5.57 -4.22 31.48
C PRO A 55 6.80 -4.66 30.69
N GLY A 56 7.31 -3.76 29.85
CA GLY A 56 8.46 -4.10 29.02
C GLY A 56 9.78 -4.19 29.76
N PHE A 57 9.79 -3.90 31.06
CA PHE A 57 11.02 -3.97 31.83
C PHE A 57 11.39 -5.40 32.20
N ALA A 58 10.38 -6.22 32.49
CA ALA A 58 10.63 -7.61 32.86
C ALA A 58 11.57 -8.29 31.87
N GLY A 59 11.48 -7.92 30.60
CA GLY A 59 12.31 -8.53 29.59
C GLY A 59 13.71 -7.95 29.44
N CYS A 60 13.95 -6.80 30.05
CA CYS A 60 15.26 -6.15 29.96
C CYS A 60 16.40 -6.97 30.56
N GLN A 61 17.60 -6.72 30.10
CA GLN A 61 18.77 -7.45 30.59
C GLN A 61 19.68 -6.53 31.41
N HIS A 62 19.39 -5.23 31.40
CA HIS A 62 20.21 -4.26 32.11
C HIS A 62 19.44 -3.06 32.63
N SER A 63 18.12 -3.19 32.79
CA SER A 63 17.33 -2.06 33.26
C SER A 63 16.30 -2.40 34.33
N ARG A 64 15.97 -1.40 35.13
CA ARG A 64 14.99 -1.56 36.21
C ARG A 64 14.21 -0.26 36.38
N ILE A 65 13.10 -0.34 37.09
CA ILE A 65 12.28 0.84 37.35
C ILE A 65 12.63 1.33 38.76
N GLU A 66 13.54 2.29 38.84
CA GLU A 66 13.98 2.84 40.13
C GLU A 66 12.96 3.73 40.81
N ALA A 67 12.25 4.55 40.04
CA ALA A 67 11.26 5.46 40.60
C ALA A 67 10.22 5.89 39.58
N LEU A 68 9.17 6.54 40.06
CA LEU A 68 8.09 7.03 39.22
C LEU A 68 7.84 8.53 39.41
N VAL A 69 7.23 9.14 38.42
CA VAL A 69 6.92 10.57 38.45
C VAL A 69 5.50 10.73 37.93
N SER A 70 4.60 11.22 38.77
CA SER A 70 3.20 11.40 38.39
C SER A 70 2.52 12.57 39.10
N GLY A 71 1.41 13.02 38.53
CA GLY A 71 0.67 14.13 39.12
C GLY A 71 -0.62 13.60 39.73
N ASN A 72 -0.71 12.27 39.82
CA ASN A 72 -1.87 11.60 40.39
C ASN A 72 -1.35 10.66 41.47
N ALA A 73 -1.14 11.20 42.67
CA ALA A 73 -0.62 10.46 43.80
C ALA A 73 -1.21 9.05 43.98
N GLU A 74 -2.53 8.95 43.94
CA GLU A 74 -3.22 7.68 44.10
C GLU A 74 -2.77 6.62 43.09
N LYS A 75 -2.86 6.96 41.80
CA LYS A 75 -2.45 6.02 40.76
C LYS A 75 -0.98 5.67 40.96
N ALA A 76 -0.14 6.70 41.04
CA ALA A 76 1.30 6.51 41.22
C ALA A 76 1.58 5.59 42.40
N LYS A 77 0.62 5.49 43.32
CA LYS A 77 0.76 4.62 44.48
C LYS A 77 0.58 3.19 43.99
N ILE A 78 -0.62 2.92 43.49
CA ILE A 78 -0.98 1.60 42.98
C ILE A 78 0.08 1.06 42.02
N VAL A 79 0.53 1.93 41.12
CA VAL A 79 1.55 1.52 40.15
C VAL A 79 2.83 1.12 40.87
N ALA A 80 3.20 1.90 41.89
CA ALA A 80 4.41 1.60 42.66
C ALA A 80 4.35 0.19 43.22
N ALA A 81 3.22 -0.13 43.84
CA ALA A 81 2.99 -1.44 44.43
C ALA A 81 3.21 -2.56 43.41
N GLU A 82 2.47 -2.48 42.30
CA GLU A 82 2.55 -3.47 41.24
C GLU A 82 3.97 -3.77 40.78
N TYR A 83 4.78 -2.73 40.63
CA TYR A 83 6.16 -2.91 40.18
C TYR A 83 7.17 -2.77 41.32
N GLY A 84 6.68 -2.74 42.55
CA GLY A 84 7.55 -2.65 43.69
C GLY A 84 8.54 -1.50 43.70
N VAL A 85 8.06 -0.30 43.35
CA VAL A 85 8.92 0.87 43.35
C VAL A 85 8.80 1.51 44.74
N ASP A 86 9.93 1.88 45.32
CA ASP A 86 9.95 2.48 46.66
C ASP A 86 9.06 3.72 46.70
N PRO A 87 7.94 3.64 47.42
CA PRO A 87 6.97 4.75 47.57
C PRO A 87 7.57 6.09 47.97
N ARG A 88 8.85 6.08 48.33
CA ARG A 88 9.54 7.31 48.72
C ARG A 88 10.18 7.90 47.48
N LYS A 89 10.28 7.09 46.44
CA LYS A 89 10.86 7.52 45.18
C LYS A 89 9.74 7.87 44.20
N ILE A 90 8.70 8.47 44.74
CA ILE A 90 7.56 8.88 43.93
C ILE A 90 7.50 10.40 43.91
N TYR A 91 7.94 10.99 42.80
CA TYR A 91 7.96 12.44 42.64
C TYR A 91 6.70 12.96 41.95
N ASP A 92 6.65 14.28 41.78
CA ASP A 92 5.53 14.95 41.13
C ASP A 92 6.18 15.92 40.13
N TYR A 93 5.37 16.63 39.35
CA TYR A 93 5.90 17.57 38.35
C TYR A 93 6.46 18.87 38.92
N SER A 94 6.53 18.99 40.25
CA SER A 94 7.07 20.20 40.87
C SER A 94 8.38 19.93 41.62
N ASN A 95 8.54 18.71 42.11
CA ASN A 95 9.75 18.33 42.84
C ASN A 95 10.55 17.35 41.99
N PHE A 96 10.14 17.21 40.74
CA PHE A 96 10.80 16.31 39.79
C PHE A 96 12.31 16.50 39.80
N ASP A 97 12.76 17.73 40.01
CA ASP A 97 14.19 18.03 40.02
C ASP A 97 14.92 17.41 41.20
N LYS A 98 14.19 17.09 42.25
CA LYS A 98 14.78 16.50 43.45
C LYS A 98 15.40 15.12 43.17
N ILE A 99 15.22 14.59 41.96
CA ILE A 99 15.78 13.29 41.61
C ILE A 99 17.29 13.41 41.51
N ALA A 100 17.77 14.63 41.32
CA ALA A 100 19.20 14.88 41.19
C ALA A 100 19.94 14.41 42.43
N LYS A 101 19.21 14.30 43.55
CA LYS A 101 19.81 13.84 44.81
C LYS A 101 20.21 12.38 44.74
N ASP A 102 19.28 11.56 44.26
CA ASP A 102 19.44 10.12 44.13
C ASP A 102 20.39 9.72 43.01
N PRO A 103 21.50 9.04 43.34
CA PRO A 103 22.46 8.60 42.32
C PRO A 103 22.06 7.27 41.69
N LYS A 104 20.96 6.69 42.18
CA LYS A 104 20.46 5.41 41.67
C LYS A 104 19.51 5.63 40.50
N ILE A 105 19.17 6.89 40.23
CA ILE A 105 18.29 7.24 39.14
C ILE A 105 19.18 7.74 37.99
N ASP A 106 19.67 6.78 37.20
CA ASP A 106 20.56 7.07 36.07
C ASP A 106 19.90 7.81 34.92
N ALA A 107 18.64 7.51 34.65
CA ALA A 107 17.94 8.16 33.55
C ALA A 107 16.46 8.40 33.76
N VAL A 108 15.87 9.15 32.85
CA VAL A 108 14.46 9.46 32.90
C VAL A 108 13.81 9.13 31.57
N TYR A 109 12.61 8.55 31.63
CA TYR A 109 11.86 8.20 30.43
C TYR A 109 10.66 9.14 30.41
N ILE A 110 10.66 10.09 29.49
CA ILE A 110 9.57 11.05 29.36
C ILE A 110 8.46 10.51 28.48
N ILE A 111 7.34 10.17 29.10
CA ILE A 111 6.19 9.64 28.39
C ILE A 111 4.99 10.54 28.63
N LEU A 112 5.18 11.84 28.34
CA LEU A 112 4.17 12.88 28.51
C LEU A 112 3.68 13.42 27.17
N PRO A 113 2.66 14.28 27.18
CA PRO A 113 2.16 14.86 25.94
C PRO A 113 3.31 15.47 25.17
N ASN A 114 3.17 15.53 23.84
CA ASN A 114 4.24 16.06 23.02
C ASN A 114 4.73 17.45 23.45
N SER A 115 3.81 18.34 23.80
CA SER A 115 4.21 19.69 24.18
C SER A 115 5.02 19.80 25.47
N LEU A 116 4.98 18.77 26.32
CA LEU A 116 5.71 18.77 27.58
C LEU A 116 7.09 18.08 27.53
N HIS A 117 7.35 17.36 26.43
CA HIS A 117 8.61 16.65 26.27
C HIS A 117 9.86 17.45 26.59
N ALA A 118 10.15 18.45 25.77
CA ALA A 118 11.34 19.28 25.97
C ALA A 118 11.49 19.72 27.42
N GLU A 119 10.48 20.43 27.91
CA GLU A 119 10.47 20.92 29.27
C GLU A 119 11.14 19.98 30.28
N PHE A 120 10.61 18.76 30.38
CA PHE A 120 11.13 17.77 31.32
C PHE A 120 12.45 17.15 30.91
N ALA A 121 12.84 17.32 29.65
CA ALA A 121 14.10 16.78 29.19
C ALA A 121 15.20 17.69 29.72
N ILE A 122 14.97 18.99 29.56
CA ILE A 122 15.93 19.98 30.01
C ILE A 122 16.05 19.97 31.53
N ARG A 123 14.93 19.92 32.22
CA ARG A 123 14.95 19.89 33.69
C ARG A 123 15.62 18.60 34.13
N ALA A 124 15.59 17.59 33.26
CA ALA A 124 16.19 16.31 33.56
C ALA A 124 17.70 16.41 33.43
N PHE A 125 18.16 16.97 32.31
CA PHE A 125 19.59 17.12 32.05
C PHE A 125 20.26 17.99 33.11
N LYS A 126 19.56 19.03 33.55
CA LYS A 126 20.12 19.92 34.57
C LYS A 126 20.19 19.13 35.87
N ALA A 127 19.42 18.05 35.94
CA ALA A 127 19.41 17.18 37.10
C ALA A 127 20.54 16.17 36.95
N GLY A 128 21.35 16.37 35.91
CA GLY A 128 22.48 15.49 35.62
C GLY A 128 22.12 14.08 35.21
N LYS A 129 20.88 13.86 34.81
CA LYS A 129 20.45 12.52 34.40
C LYS A 129 20.38 12.38 32.88
N HIS A 130 20.40 11.13 32.41
CA HIS A 130 20.31 10.87 30.96
C HIS A 130 18.85 10.86 30.56
N VAL A 131 18.59 11.21 29.29
CA VAL A 131 17.20 11.26 28.82
C VAL A 131 16.76 10.29 27.72
N MET A 132 15.56 9.74 27.94
CA MET A 132 14.89 8.82 27.02
C MET A 132 13.55 9.52 26.82
N CYS A 133 13.41 10.21 25.69
CA CYS A 133 12.16 10.92 25.43
C CYS A 133 11.33 10.25 24.35
N GLU A 134 10.02 10.19 24.59
CA GLU A 134 9.12 9.58 23.63
C GLU A 134 9.02 10.42 22.37
N LYS A 135 8.44 9.82 21.34
CA LYS A 135 8.24 10.46 20.06
C LYS A 135 6.80 10.94 20.05
N PRO A 136 6.50 12.02 19.30
CA PRO A 136 7.51 12.75 18.53
C PRO A 136 8.34 13.58 19.53
N MET A 137 9.58 13.86 19.18
CA MET A 137 10.47 14.61 20.07
C MET A 137 9.82 15.78 20.79
N ALA A 138 9.42 16.81 20.05
CA ALA A 138 8.76 17.99 20.61
C ALA A 138 7.85 18.61 19.55
N THR A 139 7.17 19.69 19.92
CA THR A 139 6.25 20.37 19.01
C THR A 139 6.88 21.51 18.22
N SER A 140 8.20 21.55 18.16
CA SER A 140 8.90 22.60 17.41
C SER A 140 10.37 22.24 17.24
N VAL A 141 10.92 22.64 16.11
CA VAL A 141 12.32 22.37 15.82
C VAL A 141 13.19 23.04 16.88
N ALA A 142 12.82 24.26 17.26
CA ALA A 142 13.55 25.03 18.26
C ALA A 142 13.62 24.32 19.61
N ASP A 143 12.51 23.69 20.01
CA ASP A 143 12.47 22.96 21.26
C ASP A 143 13.31 21.69 21.20
N CYS A 144 13.53 21.18 19.99
CA CYS A 144 14.34 19.97 19.83
C CYS A 144 15.79 20.36 19.99
N GLN A 145 16.15 21.50 19.40
CA GLN A 145 17.51 21.99 19.48
C GLN A 145 17.87 22.27 20.93
N ARG A 146 16.95 22.86 21.67
CA ARG A 146 17.20 23.17 23.07
C ARG A 146 17.46 21.90 23.85
N MET A 147 16.68 20.85 23.59
CA MET A 147 16.86 19.58 24.27
C MET A 147 18.26 19.04 24.00
N ILE A 148 18.72 19.22 22.76
CA ILE A 148 20.04 18.77 22.34
C ILE A 148 21.10 19.60 23.04
N ASP A 149 20.89 20.91 23.11
CA ASP A 149 21.84 21.81 23.77
C ASP A 149 21.95 21.47 25.25
N ALA A 150 20.83 21.15 25.88
CA ALA A 150 20.82 20.80 27.28
C ALA A 150 21.46 19.46 27.54
N ALA A 151 21.56 18.63 26.51
CA ALA A 151 22.17 17.32 26.66
C ALA A 151 23.69 17.44 26.65
N LYS A 152 24.22 18.26 25.74
CA LYS A 152 25.65 18.45 25.64
C LYS A 152 26.24 19.18 26.84
N ALA A 153 25.44 20.08 27.43
CA ALA A 153 25.87 20.85 28.60
C ALA A 153 26.06 19.91 29.78
N ALA A 154 25.04 19.11 30.07
CA ALA A 154 25.10 18.17 31.18
C ALA A 154 25.97 16.98 30.80
N ASN A 155 26.48 17.02 29.58
CA ASN A 155 27.32 15.96 29.02
C ASN A 155 26.63 14.61 29.16
N LYS A 156 25.33 14.59 28.88
CA LYS A 156 24.56 13.36 28.97
C LYS A 156 24.04 12.94 27.59
N LYS A 157 23.42 11.76 27.55
CA LYS A 157 22.89 11.22 26.30
C LYS A 157 21.39 11.47 26.14
N LEU A 158 20.98 11.81 24.92
CA LEU A 158 19.59 12.05 24.60
C LEU A 158 19.09 10.96 23.62
N MET A 159 18.05 10.22 24.00
CA MET A 159 17.52 9.16 23.15
C MET A 159 16.02 9.28 22.92
N ILE A 160 15.62 9.19 21.66
CA ILE A 160 14.21 9.26 21.31
C ILE A 160 13.61 7.86 21.22
N GLY A 161 12.38 7.72 21.72
CA GLY A 161 11.74 6.42 21.71
C GLY A 161 11.29 5.85 20.38
N TYR A 162 12.24 5.59 19.49
CA TYR A 162 11.92 5.00 18.20
C TYR A 162 12.07 3.48 18.35
N ARG A 163 11.04 2.85 18.88
CA ARG A 163 11.06 1.41 19.11
C ARG A 163 11.37 0.61 17.85
N CYS A 164 10.80 1.02 16.72
CA CYS A 164 11.01 0.31 15.46
C CYS A 164 12.48 0.20 15.09
N HIS A 165 13.33 0.94 15.80
CA HIS A 165 14.77 0.88 15.56
C HIS A 165 15.30 -0.28 16.40
N TYR A 166 14.42 -0.90 17.16
CA TYR A 166 14.83 -2.01 18.02
C TYR A 166 13.90 -3.22 17.88
N ASP A 167 13.13 -3.26 16.80
CA ASP A 167 12.22 -4.36 16.53
C ASP A 167 12.87 -5.32 15.53
N PRO A 168 13.05 -6.59 15.92
CA PRO A 168 13.69 -7.58 15.04
C PRO A 168 13.28 -7.57 13.56
N MET A 169 11.99 -7.69 13.30
CA MET A 169 11.49 -7.71 11.94
C MET A 169 11.81 -6.45 11.16
N ASN A 170 11.75 -5.30 11.82
CA ASN A 170 12.09 -4.06 11.15
C ASN A 170 13.58 -4.09 10.81
N ARG A 171 14.39 -4.56 11.74
CA ARG A 171 15.83 -4.65 11.47
C ARG A 171 16.10 -5.68 10.38
N ALA A 172 15.31 -6.75 10.35
CA ALA A 172 15.48 -7.78 9.34
C ALA A 172 15.17 -7.16 7.99
N ALA A 173 14.14 -6.31 7.97
CA ALA A 173 13.73 -5.62 6.75
C ALA A 173 14.85 -4.73 6.22
N VAL A 174 15.47 -3.96 7.12
CA VAL A 174 16.57 -3.09 6.73
C VAL A 174 17.73 -3.94 6.23
N LYS A 175 18.02 -5.01 6.96
CA LYS A 175 19.11 -5.92 6.61
C LYS A 175 18.96 -6.48 5.20
N LEU A 176 17.81 -7.06 4.89
CA LEU A 176 17.61 -7.64 3.57
C LEU A 176 17.70 -6.58 2.47
N ILE A 177 17.21 -5.37 2.74
CA ILE A 177 17.27 -4.31 1.74
C ILE A 177 18.72 -3.87 1.46
N ARG A 178 19.53 -3.79 2.51
CA ARG A 178 20.92 -3.41 2.33
C ARG A 178 21.63 -4.47 1.49
N GLU A 179 21.21 -5.72 1.65
CA GLU A 179 21.81 -6.81 0.89
C GLU A 179 21.45 -6.72 -0.59
N ASN A 180 20.65 -5.73 -0.96
CA ASN A 180 20.24 -5.52 -2.36
C ASN A 180 19.26 -6.62 -2.83
N GLN A 181 18.52 -7.20 -1.89
CA GLN A 181 17.56 -8.26 -2.23
C GLN A 181 16.39 -7.73 -3.05
N LEU A 182 16.18 -6.41 -3.03
CA LEU A 182 15.10 -5.82 -3.79
C LEU A 182 15.59 -5.13 -5.07
N GLY A 183 16.91 -5.02 -5.21
CA GLY A 183 17.48 -4.34 -6.37
C GLY A 183 17.51 -2.83 -6.18
N LYS A 184 17.44 -2.09 -7.28
CA LYS A 184 17.44 -0.63 -7.20
C LYS A 184 16.10 -0.15 -6.62
N LEU A 185 16.17 0.67 -5.58
CA LEU A 185 14.97 1.17 -4.93
C LEU A 185 14.31 2.32 -5.70
N GLY A 186 12.99 2.22 -5.91
CA GLY A 186 12.32 3.27 -6.65
C GLY A 186 10.99 3.83 -6.13
N MET A 187 10.27 3.08 -5.31
CA MET A 187 8.98 3.55 -4.82
C MET A 187 8.54 2.97 -3.47
N VAL A 188 8.45 3.83 -2.46
CA VAL A 188 8.03 3.41 -1.14
C VAL A 188 6.59 3.88 -0.85
N THR A 189 5.78 3.01 -0.28
CA THR A 189 4.40 3.36 0.07
C THR A 189 4.15 3.05 1.54
N THR A 190 3.57 3.99 2.28
CA THR A 190 3.29 3.75 3.69
C THR A 190 1.90 4.22 4.11
N ASP A 191 1.33 3.54 5.10
CA ASP A 191 0.03 3.87 5.65
C ASP A 191 0.03 3.52 7.15
N ASN A 192 -0.50 4.44 7.96
CA ASN A 192 -0.57 4.25 9.40
C ASN A 192 -1.88 4.86 9.87
N SER A 193 -2.75 4.03 10.44
CA SER A 193 -4.04 4.54 10.86
C SER A 193 -4.64 3.83 12.06
N ASP A 194 -5.62 4.48 12.65
CA ASP A 194 -6.36 3.94 13.79
C ASP A 194 -7.47 4.93 14.13
N VAL A 195 -8.65 4.41 14.48
CA VAL A 195 -9.78 5.26 14.79
C VAL A 195 -9.63 6.02 16.10
N MET A 196 -9.60 7.35 16.00
N MET A 196 -9.61 7.36 15.99
CA MET A 196 -9.46 8.18 17.18
CA MET A 196 -9.47 8.23 17.15
C MET A 196 -10.76 8.20 17.98
C MET A 196 -10.75 8.26 17.99
N ASP A 197 -10.63 7.94 19.28
CA ASP A 197 -11.76 7.94 20.19
C ASP A 197 -11.62 9.13 21.14
N GLN A 198 -12.41 10.18 20.90
CA GLN A 198 -12.35 11.40 21.71
C GLN A 198 -12.61 11.21 23.20
N ASN A 199 -13.20 10.08 23.57
CA ASN A 199 -13.50 9.79 24.96
C ASN A 199 -12.33 9.14 25.66
N ASP A 200 -11.34 8.71 24.87
CA ASP A 200 -10.14 8.08 25.40
C ASP A 200 -9.30 9.18 26.05
N PRO A 201 -9.03 9.07 27.36
CA PRO A 201 -8.24 10.05 28.11
C PRO A 201 -6.94 10.42 27.39
N ALA A 202 -6.27 9.41 26.84
CA ALA A 202 -5.02 9.62 26.13
C ALA A 202 -5.21 10.33 24.79
N GLN A 203 -6.42 10.31 24.25
CA GLN A 203 -6.69 10.95 22.96
C GLN A 203 -7.10 12.42 23.06
N GLN A 204 -7.62 12.82 24.20
CA GLN A 204 -8.06 14.19 24.40
C GLN A 204 -6.96 15.23 24.15
N TRP A 205 -5.78 15.03 24.71
CA TRP A 205 -4.72 16.00 24.49
C TRP A 205 -4.24 15.97 23.04
N ARG A 206 -4.39 14.82 22.39
CA ARG A 206 -3.99 14.68 21.00
C ARG A 206 -4.85 15.52 20.06
N LEU A 207 -6.00 15.99 20.53
CA LEU A 207 -6.91 16.80 19.71
C LEU A 207 -6.63 18.30 19.85
N ARG A 208 -5.67 18.63 20.69
CA ARG A 208 -5.30 20.01 20.94
C ARG A 208 -3.97 20.30 20.25
N ARG A 209 -3.95 21.28 19.34
CA ARG A 209 -2.75 21.62 18.60
C ARG A 209 -1.63 22.09 19.54
N GLU A 210 -2.02 22.70 20.66
CA GLU A 210 -1.05 23.21 21.62
C GLU A 210 -0.32 22.10 22.34
N LEU A 211 -1.03 21.02 22.66
CA LEU A 211 -0.45 19.89 23.35
C LEU A 211 0.18 18.85 22.42
N ALA A 212 -0.55 18.49 21.35
CA ALA A 212 -0.08 17.51 20.40
C ALA A 212 0.96 18.04 19.41
N GLY A 213 0.68 19.22 18.85
CA GLY A 213 1.60 19.80 17.90
C GLY A 213 1.16 19.54 16.47
N GLY A 214 0.10 18.74 16.33
CA GLY A 214 -0.44 18.41 15.02
C GLY A 214 -1.32 17.16 15.09
N GLY A 215 -1.87 16.75 13.95
CA GLY A 215 -2.74 15.59 13.91
C GLY A 215 -2.09 14.23 13.78
N SER A 216 -2.70 13.37 12.96
CA SER A 216 -2.21 12.02 12.75
C SER A 216 -0.73 11.93 12.38
N LEU A 217 -0.25 12.87 11.56
CA LEU A 217 1.16 12.84 11.17
C LEU A 217 2.12 12.85 12.38
N MET A 218 1.91 13.78 13.31
CA MET A 218 2.74 13.86 14.49
C MET A 218 2.63 12.59 15.34
N ASP A 219 1.43 12.01 15.39
CA ASP A 219 1.18 10.83 16.19
C ASP A 219 1.60 9.48 15.60
N ILE A 220 1.17 9.18 14.38
CA ILE A 220 1.52 7.89 13.79
C ILE A 220 2.09 7.95 12.38
N GLY A 221 1.77 9.00 11.64
CA GLY A 221 2.28 9.14 10.30
C GLY A 221 3.80 9.25 10.36
N ILE A 222 4.31 9.55 11.54
CA ILE A 222 5.75 9.69 11.75
C ILE A 222 6.40 8.31 11.56
N TYR A 223 5.65 7.24 11.79
CA TYR A 223 6.20 5.89 11.60
C TYR A 223 6.48 5.68 10.11
N GLY A 224 5.60 6.21 9.26
CA GLY A 224 5.77 6.09 7.83
C GLY A 224 6.97 6.92 7.40
N LEU A 225 7.01 8.16 7.88
CA LEU A 225 8.11 9.06 7.59
C LEU A 225 9.42 8.45 8.04
N ASN A 226 9.51 8.12 9.32
CA ASN A 226 10.73 7.55 9.88
C ASN A 226 11.08 6.26 9.14
N GLY A 227 10.08 5.40 8.95
CA GLY A 227 10.31 4.14 8.27
C GLY A 227 10.84 4.30 6.85
N THR A 228 10.22 5.17 6.08
CA THR A 228 10.63 5.40 4.71
C THR A 228 12.11 5.75 4.71
N ARG A 229 12.54 6.50 5.72
CA ARG A 229 13.93 6.91 5.84
C ARG A 229 14.92 5.76 6.12
N TYR A 230 14.68 4.94 7.14
CA TYR A 230 15.64 3.86 7.41
C TYR A 230 15.51 2.66 6.45
N LEU A 231 14.35 2.51 5.81
CA LEU A 231 14.18 1.41 4.86
C LEU A 231 15.01 1.76 3.62
N LEU A 232 14.89 2.99 3.15
CA LEU A 232 15.66 3.43 1.98
C LEU A 232 17.08 3.80 2.38
N GLY A 233 17.27 4.06 3.67
CA GLY A 233 18.58 4.44 4.17
C GLY A 233 19.11 5.74 3.59
N GLU A 234 18.28 6.79 3.62
CA GLU A 234 18.68 8.10 3.11
C GLU A 234 17.58 9.11 3.45
N GLU A 235 17.86 10.39 3.22
CA GLU A 235 16.90 11.44 3.54
C GLU A 235 16.20 12.08 2.34
N PRO A 236 14.99 12.60 2.55
CA PRO A 236 14.28 13.23 1.44
C PRO A 236 14.89 14.60 1.18
N ILE A 237 14.91 15.00 -0.07
CA ILE A 237 15.45 16.29 -0.45
C ILE A 237 14.31 17.23 -0.77
N GLU A 238 13.15 16.66 -1.08
CA GLU A 238 11.98 17.43 -1.47
C GLU A 238 10.72 16.81 -0.85
N VAL A 239 9.69 17.62 -0.67
CA VAL A 239 8.44 17.17 -0.08
C VAL A 239 7.19 17.90 -0.58
N ARG A 240 6.10 17.16 -0.73
CA ARG A 240 4.81 17.70 -1.17
C ARG A 240 3.74 17.04 -0.30
N ALA A 241 2.65 17.74 -0.02
CA ALA A 241 1.63 17.18 0.85
C ALA A 241 0.24 17.81 0.78
N TYR A 242 -0.76 17.05 1.23
CA TYR A 242 -2.13 17.53 1.26
C TYR A 242 -2.86 16.92 2.45
N THR A 243 -3.71 17.71 3.09
CA THR A 243 -4.47 17.22 4.23
C THR A 243 -5.92 17.62 4.16
N TYR A 244 -6.78 16.80 4.74
CA TYR A 244 -8.21 17.09 4.76
C TYR A 244 -8.90 16.39 5.90
N SER A 245 -9.86 17.07 6.49
CA SER A 245 -10.61 16.52 7.61
C SER A 245 -12.06 16.98 7.50
N ASP A 246 -13.00 16.09 7.85
CA ASP A 246 -14.40 16.44 7.82
C ASP A 246 -14.63 17.65 8.73
N PRO A 247 -15.01 18.80 8.14
CA PRO A 247 -15.24 20.05 8.88
C PRO A 247 -16.33 19.98 9.95
N ASN A 248 -17.14 18.92 9.93
CA ASN A 248 -18.20 18.76 10.91
C ASN A 248 -17.82 17.78 12.02
N ASP A 249 -16.58 17.30 11.99
CA ASP A 249 -16.10 16.35 12.98
C ASP A 249 -15.35 17.10 14.10
N GLU A 250 -15.95 17.16 15.28
CA GLU A 250 -15.35 17.86 16.41
C GLU A 250 -13.97 17.35 16.82
N ARG A 251 -13.59 16.17 16.32
CA ARG A 251 -12.30 15.61 16.66
C ARG A 251 -11.15 16.30 15.92
N PHE A 252 -11.45 16.89 14.78
CA PHE A 252 -10.40 17.53 13.97
C PHE A 252 -10.49 19.04 13.83
N VAL A 253 -11.06 19.70 14.83
CA VAL A 253 -11.17 21.15 14.81
C VAL A 253 -9.80 21.78 14.81
N GLU A 254 -8.93 21.27 15.68
CA GLU A 254 -7.56 21.80 15.81
C GLU A 254 -6.46 21.00 15.12
N VAL A 255 -6.58 19.68 15.12
CA VAL A 255 -5.56 18.84 14.50
C VAL A 255 -6.13 18.06 13.32
N GLU A 256 -5.26 17.67 12.39
CA GLU A 256 -5.69 16.96 11.19
C GLU A 256 -6.06 15.50 11.37
N ASP A 257 -6.97 15.04 10.53
CA ASP A 257 -7.40 13.66 10.54
C ASP A 257 -6.46 12.92 9.58
N ARG A 258 -6.72 13.07 8.27
CA ARG A 258 -5.88 12.42 7.27
C ARG A 258 -5.01 13.44 6.53
N ILE A 259 -3.80 13.01 6.21
CA ILE A 259 -2.85 13.86 5.49
C ILE A 259 -1.98 12.94 4.65
N ILE A 260 -1.70 13.37 3.41
CA ILE A 260 -0.90 12.58 2.49
C ILE A 260 0.34 13.32 2.00
N TRP A 261 1.49 12.67 2.07
CA TRP A 261 2.73 13.30 1.63
C TRP A 261 3.50 12.47 0.62
N GLN A 262 4.18 13.18 -0.28
CA GLN A 262 4.98 12.57 -1.33
C GLN A 262 6.38 13.12 -1.15
N MET A 263 7.40 12.26 -1.24
CA MET A 263 8.77 12.73 -1.06
C MET A 263 9.69 12.15 -2.11
N ARG A 264 10.76 12.89 -2.41
CA ARG A 264 11.75 12.43 -3.38
C ARG A 264 13.07 12.33 -2.66
N PHE A 265 13.89 11.37 -3.06
CA PHE A 265 15.18 11.15 -2.44
C PHE A 265 16.34 11.29 -3.42
N ARG A 266 17.51 11.65 -2.87
CA ARG A 266 18.73 11.83 -3.67
C ARG A 266 18.94 10.71 -4.67
N SER A 267 18.78 9.46 -4.22
CA SER A 267 18.96 8.30 -5.10
C SER A 267 18.02 8.32 -6.27
N GLY A 268 16.94 9.08 -6.12
CA GLY A 268 15.93 9.18 -7.16
C GLY A 268 14.67 8.47 -6.74
N ALA A 269 14.72 7.74 -5.63
CA ALA A 269 13.57 7.00 -5.12
C ALA A 269 12.43 7.95 -4.76
N LEU A 270 11.20 7.46 -4.88
CA LEU A 270 10.03 8.24 -4.54
C LEU A 270 9.24 7.52 -3.45
N SER A 271 8.27 8.21 -2.89
CA SER A 271 7.43 7.64 -1.85
C SER A 271 6.15 8.41 -1.65
N HIS A 272 5.10 7.71 -1.25
CA HIS A 272 3.82 8.35 -0.95
C HIS A 272 3.30 7.64 0.27
N GLY A 273 2.77 8.42 1.22
CA GLY A 273 2.26 7.81 2.43
C GLY A 273 1.20 8.67 3.07
N ALA A 274 0.55 8.13 4.10
CA ALA A 274 -0.50 8.85 4.78
C ALA A 274 -0.79 8.29 6.16
N SER A 275 -1.43 9.12 6.97
CA SER A 275 -1.82 8.79 8.33
C SER A 275 -3.29 9.14 8.43
N SER A 276 -4.02 8.46 9.32
CA SER A 276 -5.44 8.66 9.45
C SER A 276 -5.94 8.44 10.87
N TYR A 277 -6.90 9.27 11.28
CA TYR A 277 -7.50 9.15 12.61
C TYR A 277 -8.94 8.67 12.48
N SER A 278 -9.39 8.44 11.26
CA SER A 278 -10.77 8.03 11.03
C SER A 278 -11.00 6.68 10.35
N THR A 279 -9.95 5.86 10.25
CA THR A 279 -10.10 4.53 9.65
C THR A 279 -9.39 3.55 10.57
N THR A 280 -9.79 2.28 10.54
CA THR A 280 -9.21 1.27 11.43
C THR A 280 -7.73 0.94 11.22
N THR A 281 -7.18 0.23 12.19
CA THR A 281 -5.78 -0.19 12.22
C THR A 281 -5.16 -0.53 10.88
N THR A 282 -4.12 0.23 10.54
CA THR A 282 -3.37 0.04 9.31
C THR A 282 -1.93 0.41 9.61
N SER A 283 -1.03 -0.51 9.32
CA SER A 283 0.40 -0.31 9.53
C SER A 283 0.99 -1.15 8.41
N ARG A 284 1.14 -0.52 7.25
CA ARG A 284 1.63 -1.21 6.06
C ARG A 284 2.65 -0.39 5.28
N PHE A 285 3.83 -0.96 5.11
CA PHE A 285 4.91 -0.32 4.35
C PHE A 285 5.23 -1.19 3.15
N SER A 286 5.50 -0.54 2.02
CA SER A 286 5.84 -1.24 0.79
C SER A 286 7.06 -0.59 0.16
N VAL A 287 8.10 -1.38 -0.09
CA VAL A 287 9.32 -0.88 -0.72
C VAL A 287 9.53 -1.61 -2.04
N GLN A 288 9.44 -0.87 -3.15
CA GLN A 288 9.59 -1.46 -4.48
C GLN A 288 10.97 -1.26 -5.09
N GLY A 289 11.58 -2.37 -5.50
CA GLY A 289 12.87 -2.33 -6.14
C GLY A 289 12.69 -2.95 -7.52
N ASP A 290 13.73 -2.92 -8.36
CA ASP A 290 13.56 -3.49 -9.70
C ASP A 290 13.88 -4.98 -9.72
N LYS A 291 14.02 -5.56 -8.54
CA LYS A 291 14.34 -6.97 -8.43
C LYS A 291 13.23 -7.69 -7.67
N ALA A 292 12.74 -7.04 -6.63
CA ALA A 292 11.69 -7.61 -5.81
C ALA A 292 10.96 -6.49 -5.06
N VAL A 293 9.89 -6.86 -4.37
CA VAL A 293 9.13 -5.90 -3.61
C VAL A 293 8.93 -6.40 -2.19
N LEU A 294 9.13 -5.51 -1.22
CA LEU A 294 8.97 -5.85 0.19
C LEU A 294 7.66 -5.31 0.74
N LEU A 295 6.90 -6.16 1.42
CA LEU A 295 5.64 -5.74 2.04
C LEU A 295 5.73 -6.05 3.54
N MET A 296 5.62 -5.00 4.34
CA MET A 296 5.66 -5.13 5.80
C MET A 296 4.24 -4.86 6.26
N ASP A 297 3.58 -5.88 6.79
CA ASP A 297 2.20 -5.76 7.19
C ASP A 297 1.82 -6.93 8.07
N PRO A 298 1.71 -6.74 9.39
CA PRO A 298 1.92 -5.49 10.14
C PRO A 298 3.34 -5.00 10.00
N ALA A 299 3.51 -3.68 9.91
CA ALA A 299 4.83 -3.10 9.74
C ALA A 299 5.47 -2.57 11.02
N THR A 300 4.66 -1.96 11.89
CA THR A 300 5.17 -1.39 13.13
C THR A 300 4.36 -1.77 14.37
N GLY A 301 3.77 -2.96 14.35
CA GLY A 301 2.96 -3.37 15.49
C GLY A 301 3.76 -3.60 16.75
N TYR A 302 3.08 -3.56 17.89
CA TYR A 302 3.74 -3.84 19.17
C TYR A 302 4.07 -5.33 19.12
N TYR A 303 3.21 -6.09 18.43
CA TYR A 303 3.37 -7.53 18.26
C TYR A 303 2.99 -7.99 16.85
N GLN A 304 3.32 -9.23 16.53
CA GLN A 304 2.94 -9.84 15.26
C GLN A 304 3.32 -9.15 13.95
N ASN A 305 4.50 -8.55 13.87
CA ASN A 305 4.88 -7.92 12.62
C ASN A 305 5.08 -9.07 11.64
N LEU A 306 4.95 -8.78 10.35
CA LEU A 306 5.14 -9.80 9.32
C LEU A 306 5.67 -9.12 8.06
N ILE A 307 6.72 -9.69 7.47
CA ILE A 307 7.27 -9.11 6.26
C ILE A 307 7.34 -10.14 5.15
N SER A 308 7.26 -9.67 3.90
CA SER A 308 7.31 -10.57 2.77
C SER A 308 8.04 -9.98 1.58
N VAL A 309 8.88 -10.80 0.95
CA VAL A 309 9.61 -10.37 -0.23
C VAL A 309 8.93 -11.07 -1.41
N GLN A 310 8.33 -10.28 -2.29
CA GLN A 310 7.60 -10.84 -3.41
C GLN A 310 8.20 -10.57 -4.77
N THR A 311 8.02 -11.54 -5.66
CA THR A 311 8.46 -11.54 -7.03
C THR A 311 7.41 -12.39 -7.73
N PRO A 312 7.34 -12.33 -9.06
CA PRO A 312 6.32 -13.14 -9.74
C PRO A 312 6.42 -14.61 -9.35
N GLY A 313 5.39 -15.10 -8.66
CA GLY A 313 5.36 -16.49 -8.22
C GLY A 313 5.93 -16.77 -6.85
N HIS A 314 6.38 -15.75 -6.13
CA HIS A 314 6.97 -16.02 -4.81
C HIS A 314 6.64 -15.00 -3.75
N ALA A 315 6.59 -15.48 -2.51
CA ALA A 315 6.30 -14.64 -1.35
C ALA A 315 7.04 -15.23 -0.16
N ASN A 316 8.23 -14.72 0.10
CA ASN A 316 9.04 -15.21 1.22
C ASN A 316 8.75 -14.39 2.46
N GLN A 317 7.99 -15.00 3.36
CA GLN A 317 7.57 -14.38 4.61
C GLN A 317 8.52 -14.66 5.75
N SER A 318 8.65 -13.66 6.63
CA SER A 318 9.51 -13.78 7.81
C SER A 318 8.73 -13.17 8.97
N MET A 319 8.87 -13.76 10.14
CA MET A 319 8.18 -13.29 11.33
C MET A 319 8.85 -13.93 12.54
N MET A 320 8.44 -13.55 13.73
CA MET A 320 9.04 -14.14 14.91
C MET A 320 8.78 -15.64 14.99
N PRO A 321 9.79 -16.44 15.36
CA PRO A 321 9.66 -17.89 15.48
C PRO A 321 8.57 -18.28 16.46
N GLN A 322 8.12 -19.52 16.40
CA GLN A 322 7.06 -19.97 17.29
C GLN A 322 7.54 -20.59 18.61
N PHE A 323 8.81 -21.00 18.67
CA PHE A 323 9.34 -21.60 19.90
C PHE A 323 10.59 -20.90 20.42
N ILE A 324 11.42 -20.38 19.52
CA ILE A 324 12.64 -19.70 19.94
C ILE A 324 12.45 -18.20 19.81
N MET A 325 13.39 -17.43 20.35
CA MET A 325 13.32 -15.98 20.32
C MET A 325 14.74 -15.44 20.15
N PRO A 326 15.19 -15.31 18.89
CA PRO A 326 16.49 -14.82 18.44
C PRO A 326 16.87 -13.41 18.87
N ALA A 327 15.89 -12.61 19.28
CA ALA A 327 16.18 -11.25 19.72
C ALA A 327 15.08 -10.71 20.63
N ASN A 328 15.48 -9.86 21.58
CA ASN A 328 14.53 -9.29 22.53
C ASN A 328 13.53 -8.37 21.85
N ASN A 329 12.34 -8.24 22.44
CA ASN A 329 11.28 -7.40 21.90
C ASN A 329 11.72 -5.94 21.86
N GLN A 330 11.10 -5.16 20.97
CA GLN A 330 11.44 -3.76 20.81
C GLN A 330 11.41 -2.91 22.09
N PHE A 331 10.42 -3.14 22.94
CA PHE A 331 10.31 -2.38 24.18
C PHE A 331 11.53 -2.59 25.07
N SER A 332 11.79 -3.84 25.45
CA SER A 332 12.93 -4.17 26.29
C SER A 332 14.23 -3.79 25.61
N ALA A 333 14.31 -4.05 24.31
CA ALA A 333 15.52 -3.73 23.56
C ALA A 333 15.81 -2.24 23.56
N GLN A 334 14.76 -1.43 23.49
CA GLN A 334 14.90 0.02 23.47
C GLN A 334 15.44 0.54 24.81
N LEU A 335 14.82 0.07 25.89
CA LEU A 335 15.23 0.47 27.23
C LEU A 335 16.70 0.13 27.50
N ASP A 336 17.11 -1.11 27.21
CA ASP A 336 18.47 -1.57 27.43
C ASP A 336 19.47 -0.89 26.53
N HIS A 337 19.02 -0.41 25.38
CA HIS A 337 19.90 0.25 24.43
C HIS A 337 20.60 1.45 25.06
N LEU A 338 19.83 2.28 25.76
CA LEU A 338 20.40 3.46 26.40
C LEU A 338 21.35 3.00 27.49
N ALA A 339 20.91 2.00 28.26
CA ALA A 339 21.71 1.45 29.34
C ALA A 339 23.05 1.04 28.76
N GLU A 340 23.00 0.37 27.62
CA GLU A 340 24.21 -0.09 26.91
C GLU A 340 25.04 1.12 26.54
N ALA A 341 24.47 1.98 25.71
CA ALA A 341 25.12 3.19 25.23
C ALA A 341 25.99 3.82 26.31
N VAL A 342 25.42 4.02 27.50
CA VAL A 342 26.13 4.62 28.61
C VAL A 342 27.26 3.73 29.08
N ILE A 343 26.90 2.54 29.56
CA ILE A 343 27.86 1.54 30.04
C ILE A 343 29.11 1.44 29.19
N ASN A 344 28.92 1.15 27.92
CA ASN A 344 30.04 1.00 26.99
C ASN A 344 30.48 2.29 26.36
N ASN A 345 29.99 3.42 26.87
CA ASN A 345 30.35 4.72 26.33
C ASN A 345 30.28 4.72 24.80
N LYS A 346 29.07 4.77 24.26
CA LYS A 346 28.91 4.76 22.81
C LYS A 346 27.68 5.56 22.41
N PRO A 347 27.66 6.12 21.18
CA PRO A 347 26.51 6.89 20.71
C PRO A 347 25.30 5.98 20.54
N VAL A 348 24.16 6.49 20.96
CA VAL A 348 22.91 5.76 20.86
C VAL A 348 22.50 5.79 19.38
N ARG A 349 21.73 4.79 18.97
CA ARG A 349 21.30 4.72 17.57
C ARG A 349 20.18 5.72 17.25
N SER A 350 19.46 6.14 18.28
CA SER A 350 18.36 7.09 18.08
C SER A 350 18.54 8.37 18.92
N PRO A 351 19.56 9.18 18.59
CA PRO A 351 19.85 10.43 19.28
C PRO A 351 18.86 11.56 19.04
N GLY A 352 18.97 12.63 19.83
CA GLY A 352 18.09 13.77 19.70
C GLY A 352 18.07 14.36 18.30
N GLU A 353 19.20 14.30 17.60
CA GLU A 353 19.27 14.81 16.24
C GLU A 353 18.28 14.06 15.34
N GLU A 354 18.27 12.73 15.44
CA GLU A 354 17.35 11.91 14.65
C GLU A 354 15.90 12.29 14.93
N GLY A 355 15.57 12.46 16.21
CA GLY A 355 14.21 12.86 16.55
C GLY A 355 13.89 14.25 16.05
N MET A 356 14.91 15.08 15.89
CA MET A 356 14.70 16.44 15.40
C MET A 356 14.52 16.44 13.89
N GLN A 357 15.16 15.48 13.21
CA GLN A 357 15.05 15.39 11.77
C GLN A 357 13.59 15.15 11.40
N ASP A 358 12.92 14.25 12.12
CA ASP A 358 11.53 13.96 11.83
C ASP A 358 10.63 15.16 12.09
N VAL A 359 10.87 15.88 13.17
CA VAL A 359 10.04 17.05 13.49
C VAL A 359 10.28 18.13 12.43
N ARG A 360 11.52 18.28 12.01
CA ARG A 360 11.87 19.26 11.01
C ARG A 360 11.23 18.87 9.68
N LEU A 361 11.21 17.56 9.38
CA LEU A 361 10.60 17.08 8.15
C LEU A 361 9.08 17.22 8.20
N ILE A 362 8.51 16.95 9.37
CA ILE A 362 7.07 17.05 9.55
C ILE A 362 6.61 18.50 9.38
N GLN A 363 7.41 19.44 9.87
CA GLN A 363 7.10 20.85 9.74
C GLN A 363 7.11 21.18 8.24
N ALA A 364 8.12 20.68 7.53
CA ALA A 364 8.21 20.96 6.09
C ALA A 364 6.98 20.41 5.38
N ILE A 365 6.48 19.27 5.85
CA ILE A 365 5.30 18.63 5.26
C ILE A 365 4.02 19.41 5.53
N TYR A 366 3.85 19.91 6.76
CA TYR A 366 2.66 20.69 7.08
C TYR A 366 2.69 21.96 6.24
N GLU A 367 3.89 22.49 6.03
CA GLU A 367 4.08 23.69 5.23
C GLU A 367 3.69 23.44 3.77
N ALA A 368 4.11 22.31 3.23
CA ALA A 368 3.81 21.94 1.85
C ALA A 368 2.31 21.82 1.60
N ALA A 369 1.60 21.27 2.58
CA ALA A 369 0.15 21.08 2.49
C ALA A 369 -0.60 22.39 2.67
N ARG A 370 -0.01 23.31 3.42
N ARG A 370 0.00 23.30 3.43
CA ARG A 370 -0.65 24.60 3.65
CA ARG A 370 -0.59 24.61 3.70
C ARG A 370 -0.54 25.45 2.40
C ARG A 370 -0.51 25.48 2.44
N THR A 371 0.64 25.42 1.78
CA THR A 371 0.87 26.20 0.57
C THR A 371 0.55 25.49 -0.74
N GLY A 372 0.48 24.15 -0.70
CA GLY A 372 0.19 23.39 -1.90
C GLY A 372 1.39 23.42 -2.84
N ARG A 373 2.55 23.74 -2.27
CA ARG A 373 3.79 23.83 -3.03
C ARG A 373 4.82 22.89 -2.41
N PRO A 374 5.83 22.46 -3.18
CA PRO A 374 6.83 21.57 -2.60
C PRO A 374 7.84 22.31 -1.70
N VAL A 375 8.27 21.66 -0.62
CA VAL A 375 9.23 22.25 0.29
C VAL A 375 10.58 21.56 0.17
N ASN A 376 11.62 22.33 -0.12
CA ASN A 376 12.97 21.80 -0.26
C ASN A 376 13.45 21.37 1.13
N THR A 377 13.81 20.11 1.28
CA THR A 377 14.28 19.59 2.57
C THR A 377 15.72 19.10 2.53
N ASP A 378 16.44 19.50 1.47
CA ASP A 378 17.84 19.12 1.25
C ASP A 378 18.77 19.91 2.19
N TRP A 379 18.66 19.69 3.49
CA TRP A 379 19.49 20.43 4.43
C TRP A 379 20.66 19.70 5.06
N GLY A 380 21.34 18.88 4.27
CA GLY A 380 22.51 18.14 4.73
C GLY A 380 22.49 17.35 6.03
N TYR A 381 21.34 16.84 6.44
CA TYR A 381 21.29 16.05 7.66
C TYR A 381 22.02 14.75 7.39
N VAL A 382 22.69 14.22 8.41
CA VAL A 382 23.42 12.98 8.26
C VAL A 382 23.11 12.04 9.42
N ARG A 383 22.74 10.81 9.08
CA ARG A 383 22.39 9.79 10.06
C ARG A 383 23.70 9.23 10.63
N GLN A 384 24.12 9.76 11.77
CA GLN A 384 25.35 9.28 12.39
C GLN A 384 25.10 7.89 12.94
N GLY A 385 25.88 6.92 12.48
CA GLY A 385 25.71 5.56 12.94
C GLY A 385 24.89 4.73 11.98
N GLY A 386 24.34 5.37 10.95
CA GLY A 386 23.54 4.67 9.97
C GLY A 386 22.13 4.38 10.46
N TYR A 387 21.29 3.90 9.56
CA TYR A 387 19.91 3.59 9.88
C TYR A 387 19.78 2.20 10.48
N ALA B 7 -28.78 -48.13 5.34
CA ALA B 7 -28.64 -49.60 5.22
C ALA B 7 -28.75 -50.04 3.76
N THR B 8 -29.22 -49.14 2.90
CA THR B 8 -29.36 -49.44 1.49
C THR B 8 -29.02 -48.22 0.64
N LEU B 9 -28.39 -48.45 -0.50
CA LEU B 9 -28.01 -47.37 -1.40
C LEU B 9 -29.21 -46.60 -1.91
N PRO B 10 -29.02 -45.33 -2.29
CA PRO B 10 -30.13 -44.52 -2.80
C PRO B 10 -30.51 -44.99 -4.20
N ALA B 11 -31.71 -44.62 -4.64
CA ALA B 11 -32.19 -45.02 -5.96
C ALA B 11 -31.23 -44.61 -7.07
N GLY B 12 -30.63 -43.43 -6.92
CA GLY B 12 -29.72 -42.98 -7.94
C GLY B 12 -28.52 -43.90 -8.15
N ALA B 13 -28.00 -44.46 -7.06
CA ALA B 13 -26.84 -45.34 -7.13
C ALA B 13 -27.15 -46.71 -7.73
N SER B 14 -28.13 -47.38 -7.16
CA SER B 14 -28.52 -48.72 -7.60
C SER B 14 -29.03 -48.80 -9.03
N GLN B 15 -29.46 -47.65 -9.56
CA GLN B 15 -29.98 -47.60 -10.92
C GLN B 15 -28.91 -47.51 -12.00
N VAL B 16 -27.68 -47.18 -11.61
CA VAL B 16 -26.62 -47.09 -12.61
C VAL B 16 -26.30 -48.46 -13.19
N PRO B 17 -26.43 -48.61 -14.51
CA PRO B 17 -26.13 -49.91 -15.12
C PRO B 17 -24.65 -50.24 -14.92
N THR B 18 -24.31 -51.53 -14.95
CA THR B 18 -22.92 -51.95 -14.77
C THR B 18 -22.21 -52.16 -16.10
N THR B 19 -22.94 -51.94 -17.20
CA THR B 19 -22.36 -52.07 -18.53
C THR B 19 -22.29 -50.69 -19.17
N PRO B 20 -21.54 -50.56 -20.28
CA PRO B 20 -21.43 -49.26 -20.94
C PRO B 20 -22.82 -48.69 -21.21
N ALA B 21 -23.10 -47.49 -20.68
CA ALA B 21 -24.41 -46.87 -20.86
C ALA B 21 -24.38 -45.35 -20.89
N GLY B 22 -25.29 -44.78 -21.66
CA GLY B 22 -25.37 -43.33 -21.78
C GLY B 22 -25.84 -42.75 -20.47
N ARG B 23 -25.37 -41.55 -20.16
CA ARG B 23 -25.74 -40.89 -18.92
C ARG B 23 -26.17 -39.46 -19.21
N PRO B 24 -26.78 -38.81 -18.21
CA PRO B 24 -27.22 -37.43 -18.39
C PRO B 24 -26.08 -36.44 -18.42
N MET B 25 -26.45 -35.17 -18.63
CA MET B 25 -25.50 -34.08 -18.66
C MET B 25 -25.01 -33.94 -17.24
N PRO B 26 -23.69 -33.85 -17.05
CA PRO B 26 -23.11 -33.72 -15.71
C PRO B 26 -23.29 -32.36 -15.04
N TYR B 27 -23.03 -32.34 -13.74
CA TYR B 27 -23.06 -31.15 -12.90
C TYR B 27 -21.95 -30.29 -13.46
N ALA B 28 -22.16 -28.97 -13.48
CA ALA B 28 -21.14 -28.06 -13.96
C ALA B 28 -20.50 -27.36 -12.76
N ILE B 29 -19.18 -27.50 -12.64
CA ILE B 29 -18.45 -26.86 -11.57
C ILE B 29 -17.63 -25.78 -12.23
N ARG B 30 -18.00 -25.49 -13.48
CA ARG B 30 -17.30 -24.50 -14.27
C ARG B 30 -18.16 -24.11 -15.48
N PRO B 31 -18.07 -22.85 -15.94
CA PRO B 31 -18.83 -22.34 -17.07
C PRO B 31 -18.67 -23.20 -18.32
N MET B 32 -19.78 -23.72 -18.83
CA MET B 32 -19.76 -24.57 -20.02
C MET B 32 -19.93 -23.78 -21.31
N PRO B 33 -19.35 -24.26 -22.42
CA PRO B 33 -19.52 -23.50 -23.65
C PRO B 33 -21.00 -23.61 -24.05
N GLU B 34 -21.55 -22.53 -24.61
CA GLU B 34 -22.95 -22.56 -25.03
C GLU B 34 -23.07 -22.27 -26.53
N ASP B 35 -22.77 -21.05 -26.97
CA ASP B 35 -22.86 -20.75 -28.40
C ASP B 35 -21.66 -19.93 -28.92
N ARG B 36 -21.60 -19.76 -30.24
CA ARG B 36 -20.53 -18.99 -30.88
C ARG B 36 -21.20 -18.05 -31.87
N ARG B 37 -22.31 -17.45 -31.44
N ARG B 37 -22.31 -17.45 -31.45
CA ARG B 37 -23.09 -16.54 -32.26
CA ARG B 37 -23.09 -16.55 -32.29
C ARG B 37 -22.45 -15.21 -32.61
C ARG B 37 -22.43 -15.22 -32.63
N PHE B 38 -21.69 -14.64 -31.68
CA PHE B 38 -21.06 -13.35 -31.90
C PHE B 38 -19.63 -13.41 -32.46
N GLY B 39 -19.48 -13.01 -33.73
CA GLY B 39 -18.19 -13.02 -34.40
C GLY B 39 -17.37 -11.75 -34.24
N TYR B 40 -16.10 -11.92 -33.91
CA TYR B 40 -15.19 -10.79 -33.70
C TYR B 40 -14.10 -10.75 -34.77
N ALA B 41 -13.60 -9.55 -35.04
CA ALA B 41 -12.48 -9.34 -35.94
C ALA B 41 -11.44 -8.71 -35.01
N ILE B 42 -10.31 -9.38 -34.79
CA ILE B 42 -9.29 -8.84 -33.91
C ILE B 42 -8.33 -7.96 -34.69
N VAL B 43 -8.05 -6.78 -34.16
CA VAL B 43 -7.17 -5.84 -34.83
C VAL B 43 -5.86 -5.65 -34.08
N GLY B 44 -4.76 -6.09 -34.70
CA GLY B 44 -3.45 -5.98 -34.07
C GLY B 44 -3.10 -7.27 -33.34
N LEU B 45 -2.32 -8.11 -33.99
CA LEU B 45 -1.92 -9.39 -33.42
C LEU B 45 -0.62 -9.19 -32.65
N GLY B 46 -0.74 -8.56 -31.48
CA GLY B 46 0.42 -8.26 -30.66
C GLY B 46 0.43 -9.02 -29.36
N LYS B 47 1.13 -8.46 -28.37
CA LYS B 47 1.28 -9.10 -27.07
C LYS B 47 -0.02 -9.40 -26.33
N TYR B 48 -0.88 -8.41 -26.12
CA TYR B 48 -2.12 -8.66 -25.40
C TYR B 48 -3.01 -9.64 -26.17
N ALA B 49 -3.12 -9.44 -27.48
CA ALA B 49 -3.94 -10.30 -28.31
C ALA B 49 -3.56 -11.79 -28.27
N LEU B 50 -2.30 -12.08 -28.61
CA LEU B 50 -1.82 -13.45 -28.66
C LEU B 50 -1.60 -14.13 -27.30
N ASN B 51 -1.25 -13.36 -26.28
CA ASN B 51 -1.03 -13.93 -24.94
C ASN B 51 -2.33 -14.05 -24.15
N GLN B 52 -3.19 -13.04 -24.23
CA GLN B 52 -4.44 -13.05 -23.46
C GLN B 52 -5.77 -13.14 -24.20
N ILE B 53 -6.02 -12.27 -25.18
CA ILE B 53 -7.33 -12.29 -25.82
C ILE B 53 -7.66 -13.48 -26.70
N LEU B 54 -6.82 -13.79 -27.68
CA LEU B 54 -7.10 -14.94 -28.54
C LEU B 54 -7.33 -16.18 -27.70
N PRO B 55 -6.41 -16.47 -26.76
CA PRO B 55 -6.60 -17.67 -25.91
C PRO B 55 -7.85 -17.53 -25.05
N GLY B 56 -8.20 -16.29 -24.74
CA GLY B 56 -9.36 -16.02 -23.93
C GLY B 56 -10.67 -16.41 -24.60
N PHE B 57 -10.66 -16.54 -25.93
CA PHE B 57 -11.87 -16.91 -26.65
C PHE B 57 -12.38 -18.31 -26.33
N ALA B 58 -11.48 -19.26 -26.09
CA ALA B 58 -11.90 -20.63 -25.80
C ALA B 58 -12.92 -20.73 -24.66
N GLY B 59 -12.72 -19.92 -23.63
CA GLY B 59 -13.62 -19.95 -22.49
C GLY B 59 -14.93 -19.21 -22.69
N CYS B 60 -15.10 -18.57 -23.83
CA CYS B 60 -16.33 -17.83 -24.11
C CYS B 60 -17.59 -18.70 -24.24
N GLN B 61 -18.73 -18.11 -23.93
CA GLN B 61 -19.99 -18.82 -24.03
C GLN B 61 -20.87 -18.29 -25.17
N HIS B 62 -20.48 -17.18 -25.79
CA HIS B 62 -21.26 -16.61 -26.89
C HIS B 62 -20.41 -15.96 -27.98
N SER B 63 -19.10 -16.08 -27.88
CA SER B 63 -18.23 -15.41 -28.83
C SER B 63 -17.25 -16.28 -29.62
N ARG B 64 -16.86 -15.76 -30.77
CA ARG B 64 -15.92 -16.46 -31.64
C ARG B 64 -15.08 -15.47 -32.42
N ILE B 65 -13.92 -15.93 -32.85
CA ILE B 65 -13.00 -15.15 -33.66
C ILE B 65 -13.40 -15.43 -35.11
N GLU B 66 -13.76 -14.40 -35.85
CA GLU B 66 -14.19 -14.58 -37.24
C GLU B 66 -13.15 -14.10 -38.26
N ALA B 67 -12.39 -13.08 -37.89
CA ALA B 67 -11.41 -12.51 -38.79
C ALA B 67 -10.24 -11.88 -38.05
N LEU B 68 -9.19 -11.56 -38.80
CA LEU B 68 -7.98 -10.95 -38.26
C LEU B 68 -7.55 -9.77 -39.11
N VAL B 69 -6.99 -8.75 -38.46
CA VAL B 69 -6.49 -7.56 -39.15
C VAL B 69 -5.09 -7.26 -38.62
N SER B 70 -4.10 -7.43 -39.49
CA SER B 70 -2.72 -7.23 -39.13
C SER B 70 -1.94 -6.64 -40.30
N GLY B 71 -0.80 -6.03 -39.98
CA GLY B 71 0.04 -5.46 -41.02
C GLY B 71 1.17 -6.43 -41.36
N ASN B 72 1.11 -7.62 -40.79
CA ASN B 72 2.13 -8.66 -41.00
C ASN B 72 1.47 -9.91 -41.56
N ALA B 73 1.27 -9.95 -42.87
CA ALA B 73 0.62 -11.10 -43.51
C ALA B 73 1.17 -12.43 -43.03
N GLU B 74 2.49 -12.51 -42.87
CA GLU B 74 3.15 -13.73 -42.41
C GLU B 74 2.60 -14.15 -41.03
N LYS B 75 2.60 -13.22 -40.09
CA LYS B 75 2.10 -13.49 -38.74
C LYS B 75 0.62 -13.87 -38.76
N ALA B 76 -0.16 -13.12 -39.53
CA ALA B 76 -1.60 -13.36 -39.62
C ALA B 76 -1.91 -14.77 -40.15
N LYS B 77 -1.16 -15.21 -41.15
CA LYS B 77 -1.33 -16.54 -41.74
C LYS B 77 -1.12 -17.61 -40.67
N ILE B 78 -0.08 -17.43 -39.86
CA ILE B 78 0.25 -18.37 -38.78
C ILE B 78 -0.81 -18.36 -37.68
N VAL B 79 -1.25 -17.19 -37.27
CA VAL B 79 -2.26 -17.10 -36.22
C VAL B 79 -3.61 -17.61 -36.68
N ALA B 80 -4.00 -17.28 -37.91
CA ALA B 80 -5.27 -17.75 -38.46
C ALA B 80 -5.32 -19.28 -38.41
N ALA B 81 -4.24 -19.94 -38.82
CA ALA B 81 -4.22 -21.39 -38.80
C ALA B 81 -4.36 -21.96 -37.38
N GLU B 82 -3.79 -21.26 -36.39
CA GLU B 82 -3.85 -21.71 -35.01
C GLU B 82 -5.25 -21.61 -34.40
N TYR B 83 -6.06 -20.67 -34.90
CA TYR B 83 -7.40 -20.48 -34.37
C TYR B 83 -8.55 -20.78 -35.32
N GLY B 84 -8.28 -21.63 -36.31
CA GLY B 84 -9.31 -22.03 -37.27
C GLY B 84 -9.94 -20.92 -38.09
N VAL B 85 -9.30 -19.76 -38.14
CA VAL B 85 -9.82 -18.66 -38.92
C VAL B 85 -9.59 -18.88 -40.41
N ASP B 86 -10.60 -18.58 -41.21
CA ASP B 86 -10.51 -18.76 -42.65
C ASP B 86 -9.50 -17.80 -43.28
N PRO B 87 -8.45 -18.34 -43.91
CA PRO B 87 -7.44 -17.47 -44.54
C PRO B 87 -8.02 -16.34 -45.38
N ARG B 88 -9.25 -16.50 -45.85
CA ARG B 88 -9.90 -15.47 -46.66
C ARG B 88 -10.35 -14.27 -45.85
N LYS B 89 -10.45 -14.45 -44.54
CA LYS B 89 -10.89 -13.37 -43.68
C LYS B 89 -9.75 -12.69 -42.92
N ILE B 90 -8.60 -12.60 -43.56
CA ILE B 90 -7.44 -11.92 -43.00
C ILE B 90 -7.41 -10.56 -43.70
N TYR B 91 -7.48 -9.48 -42.93
CA TYR B 91 -7.45 -8.14 -43.51
C TYR B 91 -6.19 -7.42 -43.07
N ASP B 92 -5.86 -6.35 -43.79
CA ASP B 92 -4.71 -5.53 -43.42
C ASP B 92 -5.32 -4.18 -43.08
N TYR B 93 -4.49 -3.21 -42.74
CA TYR B 93 -5.00 -1.91 -42.36
C TYR B 93 -5.55 -1.07 -43.52
N SER B 94 -5.29 -1.50 -44.76
CA SER B 94 -5.78 -0.78 -45.93
C SER B 94 -7.18 -1.22 -46.34
N ASN B 95 -7.37 -2.53 -46.45
CA ASN B 95 -8.67 -3.07 -46.85
C ASN B 95 -9.56 -3.36 -45.64
N PHE B 96 -9.18 -2.84 -44.49
CA PHE B 96 -9.94 -3.02 -43.25
C PHE B 96 -11.43 -2.74 -43.46
N ASP B 97 -11.72 -1.56 -44.01
CA ASP B 97 -13.10 -1.16 -44.23
C ASP B 97 -13.95 -2.17 -44.99
N LYS B 98 -13.32 -3.14 -45.63
CA LYS B 98 -14.09 -4.13 -46.38
C LYS B 98 -14.88 -5.09 -45.49
N ILE B 99 -14.55 -5.14 -44.21
CA ILE B 99 -15.27 -6.04 -43.29
C ILE B 99 -16.76 -5.68 -43.29
N ALA B 100 -17.08 -4.44 -43.67
CA ALA B 100 -18.46 -3.97 -43.73
C ALA B 100 -19.31 -4.87 -44.63
N LYS B 101 -18.66 -5.60 -45.52
CA LYS B 101 -19.33 -6.50 -46.46
C LYS B 101 -19.59 -7.89 -45.90
N ASP B 102 -19.04 -8.19 -44.74
CA ASP B 102 -19.24 -9.50 -44.14
C ASP B 102 -20.17 -9.48 -42.95
N PRO B 103 -21.35 -10.10 -43.08
CA PRO B 103 -22.31 -10.13 -41.98
C PRO B 103 -21.87 -11.02 -40.81
N LYS B 104 -20.89 -11.89 -41.04
CA LYS B 104 -20.40 -12.77 -39.98
C LYS B 104 -19.52 -12.01 -39.00
N ILE B 105 -19.14 -10.80 -39.38
CA ILE B 105 -18.33 -9.98 -38.49
C ILE B 105 -19.32 -9.07 -37.76
N ASP B 106 -19.52 -9.32 -36.47
CA ASP B 106 -20.45 -8.51 -35.66
C ASP B 106 -19.77 -7.32 -35.00
N ALA B 107 -18.49 -7.49 -34.63
CA ALA B 107 -17.76 -6.43 -33.97
C ALA B 107 -16.27 -6.56 -34.23
N VAL B 108 -15.53 -5.54 -33.78
CA VAL B 108 -14.09 -5.55 -33.92
C VAL B 108 -13.52 -5.34 -32.53
N TYR B 109 -12.30 -5.80 -32.33
CA TYR B 109 -11.64 -5.64 -31.05
C TYR B 109 -10.31 -5.01 -31.37
N ILE B 110 -10.20 -3.73 -31.06
CA ILE B 110 -8.99 -2.96 -31.31
C ILE B 110 -7.95 -3.14 -30.21
N ILE B 111 -6.82 -3.75 -30.58
CA ILE B 111 -5.74 -3.98 -29.64
C ILE B 111 -4.46 -3.40 -30.24
N LEU B 112 -4.60 -2.20 -30.78
CA LEU B 112 -3.50 -1.46 -31.40
C LEU B 112 -2.95 -0.47 -30.38
N PRO B 113 -1.78 0.11 -30.66
CA PRO B 113 -1.31 1.06 -29.65
C PRO B 113 -2.34 2.20 -29.46
N ASN B 114 -2.25 2.88 -28.32
CA ASN B 114 -3.16 3.95 -27.96
C ASN B 114 -3.59 4.98 -28.99
N SER B 115 -2.63 5.62 -29.67
CA SER B 115 -2.94 6.64 -30.66
C SER B 115 -3.66 6.14 -31.92
N LEU B 116 -3.72 4.83 -32.10
CA LEU B 116 -4.38 4.31 -33.27
C LEU B 116 -5.82 3.87 -33.00
N HIS B 117 -6.19 3.90 -31.72
CA HIS B 117 -7.52 3.48 -31.29
C HIS B 117 -8.71 4.17 -31.97
N ALA B 118 -8.80 5.48 -31.78
CA ALA B 118 -9.90 6.26 -32.35
C ALA B 118 -10.15 6.00 -33.83
N GLU B 119 -9.08 6.02 -34.64
CA GLU B 119 -9.18 5.80 -36.08
C GLU B 119 -9.98 4.56 -36.46
N PHE B 120 -9.49 3.42 -35.96
CA PHE B 120 -10.11 2.15 -36.26
C PHE B 120 -11.45 1.96 -35.62
N ALA B 121 -11.65 2.57 -34.45
CA ALA B 121 -12.95 2.46 -33.80
C ALA B 121 -13.95 3.11 -34.76
N ILE B 122 -13.61 4.31 -35.22
CA ILE B 122 -14.47 5.05 -36.14
C ILE B 122 -14.68 4.33 -37.48
N ARG B 123 -13.62 3.81 -38.08
CA ARG B 123 -13.77 3.11 -39.35
C ARG B 123 -14.63 1.86 -39.16
N ALA B 124 -14.50 1.23 -38.00
CA ALA B 124 -15.28 0.03 -37.69
C ALA B 124 -16.76 0.37 -37.64
N PHE B 125 -17.07 1.51 -37.00
CA PHE B 125 -18.44 1.97 -36.87
C PHE B 125 -18.99 2.35 -38.25
N LYS B 126 -18.13 2.92 -39.09
CA LYS B 126 -18.58 3.30 -40.42
C LYS B 126 -18.83 2.04 -41.22
N ALA B 127 -18.20 0.94 -40.80
CA ALA B 127 -18.36 -0.33 -41.46
C ALA B 127 -19.54 -1.09 -40.88
N GLY B 128 -20.32 -0.41 -40.04
CA GLY B 128 -21.49 -1.01 -39.43
C GLY B 128 -21.22 -2.11 -38.42
N LYS B 129 -20.18 -1.96 -37.60
CA LYS B 129 -19.85 -2.97 -36.60
C LYS B 129 -19.81 -2.41 -35.19
N HIS B 130 -19.96 -3.27 -34.19
CA HIS B 130 -19.87 -2.83 -32.80
C HIS B 130 -18.38 -2.76 -32.48
N VAL B 131 -18.00 -2.10 -31.39
CA VAL B 131 -16.59 -1.98 -31.06
C VAL B 131 -16.18 -2.29 -29.62
N MET B 132 -15.12 -3.09 -29.51
CA MET B 132 -14.52 -3.40 -28.24
C MET B 132 -13.16 -2.75 -28.48
N CYS B 133 -12.80 -1.76 -27.68
CA CYS B 133 -11.51 -1.09 -27.84
C CYS B 133 -10.76 -1.24 -26.55
N GLU B 134 -9.46 -1.54 -26.66
CA GLU B 134 -8.63 -1.69 -25.46
C GLU B 134 -8.44 -0.36 -24.76
N LYS B 135 -8.05 -0.42 -23.48
CA LYS B 135 -7.78 0.80 -22.72
C LYS B 135 -6.27 1.05 -22.82
N PRO B 136 -5.82 2.30 -22.64
CA PRO B 136 -6.67 3.47 -22.37
C PRO B 136 -7.40 3.82 -23.68
N MET B 137 -8.68 4.15 -23.55
CA MET B 137 -9.52 4.46 -24.70
C MET B 137 -8.82 5.15 -25.88
N ALA B 138 -8.32 6.36 -25.64
CA ALA B 138 -7.63 7.13 -26.67
C ALA B 138 -6.59 8.02 -26.01
N THR B 139 -5.89 8.82 -26.81
CA THR B 139 -4.86 9.69 -26.27
C THR B 139 -5.30 11.16 -26.16
N SER B 140 -6.60 11.39 -26.28
CA SER B 140 -7.14 12.74 -26.14
C SER B 140 -8.61 12.62 -25.79
N VAL B 141 -9.10 13.55 -25.00
CA VAL B 141 -10.51 13.55 -24.62
C VAL B 141 -11.34 13.65 -25.89
N ALA B 142 -10.95 14.59 -26.75
CA ALA B 142 -11.64 14.82 -28.01
C ALA B 142 -11.80 13.52 -28.80
N ASP B 143 -10.71 12.77 -28.93
CA ASP B 143 -10.77 11.50 -29.67
C ASP B 143 -11.74 10.52 -29.05
N CYS B 144 -11.82 10.52 -27.71
CA CYS B 144 -12.76 9.64 -27.03
C CYS B 144 -14.19 10.04 -27.43
N GLN B 145 -14.45 11.34 -27.44
CA GLN B 145 -15.78 11.82 -27.81
C GLN B 145 -16.11 11.48 -29.26
N ARG B 146 -15.12 11.56 -30.14
CA ARG B 146 -15.35 11.24 -31.55
C ARG B 146 -15.77 9.79 -31.71
N MET B 147 -15.17 8.93 -30.90
CA MET B 147 -15.48 7.50 -30.92
C MET B 147 -16.91 7.33 -30.42
N ILE B 148 -17.24 8.01 -29.33
CA ILE B 148 -18.60 7.94 -28.81
C ILE B 148 -19.58 8.46 -29.88
N ASP B 149 -19.20 9.53 -30.59
CA ASP B 149 -20.07 10.07 -31.65
C ASP B 149 -20.26 9.06 -32.79
N ALA B 150 -19.17 8.49 -33.29
CA ALA B 150 -19.27 7.50 -34.37
C ALA B 150 -20.15 6.32 -33.95
N ALA B 151 -20.03 5.94 -32.69
CA ALA B 151 -20.82 4.84 -32.17
C ALA B 151 -22.31 5.19 -32.26
N LYS B 152 -22.69 6.35 -31.74
CA LYS B 152 -24.08 6.78 -31.78
C LYS B 152 -24.63 7.01 -33.19
N ALA B 153 -23.76 7.40 -34.13
CA ALA B 153 -24.21 7.64 -35.50
C ALA B 153 -24.46 6.31 -36.21
N ALA B 154 -23.71 5.29 -35.83
CA ALA B 154 -23.83 3.98 -36.43
C ALA B 154 -24.86 3.11 -35.71
N ASN B 155 -25.33 3.57 -34.56
CA ASN B 155 -26.30 2.80 -33.78
C ASN B 155 -25.68 1.43 -33.44
N LYS B 156 -24.46 1.48 -32.91
CA LYS B 156 -23.73 0.29 -32.51
C LYS B 156 -23.17 0.52 -31.10
N LYS B 157 -22.66 -0.53 -30.46
CA LYS B 157 -22.13 -0.35 -29.10
C LYS B 157 -20.63 -0.12 -29.07
N LEU B 158 -20.18 0.63 -28.07
CA LEU B 158 -18.78 0.95 -27.86
C LEU B 158 -18.40 0.48 -26.44
N MET B 159 -17.53 -0.52 -26.34
CA MET B 159 -17.10 -1.04 -25.04
C MET B 159 -15.57 -0.94 -24.90
N ILE B 160 -15.12 -0.49 -23.72
CA ILE B 160 -13.70 -0.36 -23.45
C ILE B 160 -13.23 -1.55 -22.62
N GLY B 161 -12.10 -2.12 -23.02
CA GLY B 161 -11.55 -3.29 -22.36
C GLY B 161 -11.09 -3.19 -20.92
N TYR B 162 -12.02 -2.93 -20.02
CA TYR B 162 -11.71 -2.87 -18.60
C TYR B 162 -11.97 -4.26 -18.03
N ARG B 163 -11.01 -5.16 -18.26
CA ARG B 163 -11.13 -6.55 -17.84
C ARG B 163 -11.44 -6.73 -16.35
N CYS B 164 -11.02 -5.79 -15.52
CA CYS B 164 -11.25 -5.87 -14.09
C CYS B 164 -12.73 -5.68 -13.74
N HIS B 165 -13.50 -5.16 -14.68
CA HIS B 165 -14.93 -4.94 -14.45
C HIS B 165 -15.69 -6.25 -14.64
N TYR B 166 -14.98 -7.29 -15.05
CA TYR B 166 -15.59 -8.61 -15.26
C TYR B 166 -14.76 -9.67 -14.53
N ASP B 167 -13.92 -9.21 -13.61
CA ASP B 167 -13.05 -10.08 -12.83
C ASP B 167 -13.72 -10.56 -11.54
N PRO B 168 -13.86 -11.88 -11.38
CA PRO B 168 -14.51 -12.41 -10.17
C PRO B 168 -14.04 -11.84 -8.84
N MET B 169 -12.74 -11.73 -8.61
CA MET B 169 -12.30 -11.23 -7.33
C MET B 169 -12.48 -9.74 -7.12
N ASN B 170 -12.42 -8.97 -8.20
CA ASN B 170 -12.60 -7.53 -8.11
C ASN B 170 -14.08 -7.24 -7.83
N ARG B 171 -14.97 -8.00 -8.45
CA ARG B 171 -16.41 -7.81 -8.23
C ARG B 171 -16.73 -8.20 -6.78
N ALA B 172 -16.03 -9.21 -6.26
CA ALA B 172 -16.25 -9.62 -4.88
C ALA B 172 -15.82 -8.49 -3.92
N ALA B 173 -14.74 -7.80 -4.27
CA ALA B 173 -14.27 -6.70 -3.42
C ALA B 173 -15.26 -5.54 -3.44
N VAL B 174 -15.85 -5.29 -4.60
CA VAL B 174 -16.83 -4.22 -4.75
C VAL B 174 -18.10 -4.58 -3.97
N LYS B 175 -18.44 -5.86 -3.95
CA LYS B 175 -19.63 -6.35 -3.26
C LYS B 175 -19.57 -6.26 -1.74
N LEU B 176 -18.43 -6.63 -1.15
CA LEU B 176 -18.33 -6.55 0.29
C LEU B 176 -18.22 -5.09 0.74
N ILE B 177 -17.81 -4.20 -0.15
CA ILE B 177 -17.70 -2.79 0.21
C ILE B 177 -19.11 -2.19 0.20
N ARG B 178 -19.87 -2.51 -0.85
CA ARG B 178 -21.22 -2.01 -0.98
C ARG B 178 -22.06 -2.51 0.19
N GLU B 179 -21.75 -3.70 0.69
CA GLU B 179 -22.48 -4.27 1.83
C GLU B 179 -21.95 -3.76 3.19
N ASN B 180 -21.22 -2.64 3.14
CA ASN B 180 -20.66 -1.98 4.32
C ASN B 180 -19.78 -2.82 5.24
N GLN B 181 -19.01 -3.74 4.67
CA GLN B 181 -18.13 -4.57 5.46
C GLN B 181 -16.90 -3.81 5.98
N LEU B 182 -16.61 -2.67 5.37
CA LEU B 182 -15.46 -1.91 5.82
C LEU B 182 -15.86 -0.68 6.62
N GLY B 183 -17.16 -0.50 6.78
CA GLY B 183 -17.66 0.67 7.49
C GLY B 183 -17.54 1.84 6.55
N LYS B 184 -17.41 3.06 7.08
CA LYS B 184 -17.29 4.23 6.23
C LYS B 184 -15.90 4.30 5.60
N LEU B 185 -15.85 4.58 4.30
CA LEU B 185 -14.59 4.63 3.58
C LEU B 185 -13.84 5.96 3.71
N GLY B 186 -12.58 5.91 4.13
CA GLY B 186 -11.81 7.13 4.29
C GLY B 186 -10.45 7.23 3.59
N MET B 187 -9.79 6.11 3.28
CA MET B 187 -8.47 6.17 2.64
C MET B 187 -8.15 5.00 1.72
N VAL B 188 -7.88 5.29 0.45
CA VAL B 188 -7.55 4.26 -0.52
C VAL B 188 -6.14 4.44 -1.07
N THR B 189 -5.40 3.35 -1.14
CA THR B 189 -4.04 3.38 -1.65
C THR B 189 -3.91 2.41 -2.81
N THR B 190 -3.25 2.84 -3.89
CA THR B 190 -3.06 1.95 -5.03
C THR B 190 -1.61 2.06 -5.51
N ASP B 191 -1.13 0.98 -6.10
CA ASP B 191 0.21 0.90 -6.65
C ASP B 191 0.17 -0.06 -7.84
N ASN B 192 0.69 0.38 -8.98
CA ASN B 192 0.74 -0.47 -10.16
C ASN B 192 2.08 -0.29 -10.85
N SER B 193 2.90 -1.35 -10.85
CA SER B 193 4.21 -1.27 -11.43
C SER B 193 4.70 -2.55 -12.12
N ASP B 194 5.68 -2.35 -12.99
CA ASP B 194 6.32 -3.44 -13.72
C ASP B 194 7.51 -2.85 -14.44
N VAL B 195 8.60 -3.60 -14.50
CA VAL B 195 9.81 -3.13 -15.15
C VAL B 195 9.68 -3.02 -16.68
N MET B 196 9.83 -1.81 -17.20
N MET B 196 9.82 -1.81 -17.19
CA MET B 196 9.75 -1.56 -18.63
CA MET B 196 9.72 -1.60 -18.63
C MET B 196 11.01 -2.08 -19.33
C MET B 196 10.99 -2.08 -19.33
N ASP B 197 10.82 -2.96 -20.32
CA ASP B 197 11.93 -3.53 -21.08
C ASP B 197 11.87 -2.99 -22.51
N GLN B 198 12.80 -2.11 -22.87
CA GLN B 198 12.83 -1.51 -24.20
C GLN B 198 13.15 -2.50 -25.29
N ASN B 199 13.54 -3.72 -24.92
CA ASN B 199 13.85 -4.73 -25.91
C ASN B 199 12.61 -5.52 -26.33
N ASP B 200 11.52 -5.35 -25.58
CA ASP B 200 10.25 -6.02 -25.87
C ASP B 200 9.56 -5.22 -26.97
N PRO B 201 9.24 -5.85 -28.11
CA PRO B 201 8.58 -5.16 -29.22
C PRO B 201 7.33 -4.39 -28.78
N ALA B 202 6.63 -4.94 -27.82
CA ALA B 202 5.41 -4.34 -27.30
C ALA B 202 5.65 -3.03 -26.54
N GLN B 203 6.78 -2.94 -25.85
CA GLN B 203 7.12 -1.76 -25.06
C GLN B 203 7.70 -0.60 -25.87
N GLN B 204 8.15 -0.89 -27.08
CA GLN B 204 8.75 0.15 -27.92
C GLN B 204 7.80 1.33 -28.21
N TRP B 205 6.56 1.06 -28.60
CA TRP B 205 5.64 2.17 -28.86
C TRP B 205 5.23 2.87 -27.56
N ARG B 206 5.36 2.17 -26.43
CA ARG B 206 4.99 2.77 -25.15
C ARG B 206 5.99 3.83 -24.71
N LEU B 207 7.19 3.77 -25.30
CA LEU B 207 8.24 4.73 -24.99
C LEU B 207 8.02 6.02 -25.80
N ARG B 208 7.14 5.98 -26.79
CA ARG B 208 6.89 7.12 -27.64
C ARG B 208 5.61 7.86 -27.25
N ARG B 209 5.76 9.11 -26.81
CA ARG B 209 4.63 9.92 -26.40
C ARG B 209 3.53 9.99 -27.46
N GLU B 210 3.94 10.10 -28.72
CA GLU B 210 2.99 10.18 -29.82
C GLU B 210 2.13 8.92 -30.00
N LEU B 211 2.72 7.76 -29.75
CA LEU B 211 1.97 6.53 -29.88
C LEU B 211 1.23 6.11 -28.60
N ALA B 212 1.85 6.36 -27.46
CA ALA B 212 1.30 5.96 -26.16
C ALA B 212 0.32 6.94 -25.50
N GLY B 213 0.58 8.23 -25.60
CA GLY B 213 -0.31 9.20 -24.99
C GLY B 213 0.13 9.55 -23.58
N GLY B 214 1.19 8.89 -23.12
CA GLY B 214 1.71 9.14 -21.79
C GLY B 214 2.49 7.94 -21.32
N GLY B 215 3.01 8.00 -20.09
CA GLY B 215 3.79 6.90 -19.53
C GLY B 215 3.03 5.91 -18.65
N SER B 216 3.63 5.52 -17.53
CA SER B 216 3.02 4.53 -16.63
C SER B 216 1.60 4.83 -16.16
N LEU B 217 1.22 6.09 -16.14
CA LEU B 217 -0.14 6.41 -15.72
C LEU B 217 -1.13 5.90 -16.77
N MET B 218 -0.86 6.24 -18.02
CA MET B 218 -1.71 5.83 -19.13
C MET B 218 -1.72 4.32 -19.30
N ASP B 219 -0.54 3.71 -19.16
CA ASP B 219 -0.43 2.28 -19.31
C ASP B 219 -0.99 1.43 -18.18
N ILE B 220 -0.50 1.66 -16.96
CA ILE B 220 -0.95 0.86 -15.83
C ILE B 220 -1.47 1.66 -14.64
N GLY B 221 -1.11 2.93 -14.55
CA GLY B 221 -1.60 3.74 -13.46
C GLY B 221 -3.12 3.72 -13.53
N ILE B 222 -3.64 3.62 -14.75
CA ILE B 222 -5.08 3.61 -14.96
C ILE B 222 -5.81 2.60 -14.07
N TYR B 223 -5.18 1.48 -13.75
CA TYR B 223 -5.82 0.49 -12.89
C TYR B 223 -6.06 1.01 -11.47
N GLY B 224 -5.09 1.72 -10.91
CA GLY B 224 -5.28 2.26 -9.57
C GLY B 224 -6.38 3.32 -9.60
N LEU B 225 -6.38 4.12 -10.67
CA LEU B 225 -7.37 5.17 -10.83
C LEU B 225 -8.77 4.58 -10.99
N ASN B 226 -8.94 3.72 -11.99
CA ASN B 226 -10.24 3.10 -12.27
C ASN B 226 -10.69 2.30 -11.05
N GLY B 227 -9.75 1.56 -10.47
CA GLY B 227 -10.05 0.76 -9.31
C GLY B 227 -10.50 1.58 -8.11
N THR B 228 -9.86 2.73 -7.91
CA THR B 228 -10.20 3.59 -6.80
C THR B 228 -11.61 4.06 -7.02
N ARG B 229 -11.95 4.36 -8.27
CA ARG B 229 -13.27 4.82 -8.58
C ARG B 229 -14.34 3.72 -8.35
N TYR B 230 -14.13 2.52 -8.89
CA TYR B 230 -15.16 1.50 -8.67
C TYR B 230 -15.22 0.93 -7.26
N LEU B 231 -14.13 1.04 -6.51
CA LEU B 231 -14.15 0.53 -5.14
C LEU B 231 -14.92 1.49 -4.26
N LEU B 232 -14.56 2.78 -4.33
CA LEU B 232 -15.25 3.80 -3.54
C LEU B 232 -16.69 3.98 -4.03
N GLY B 233 -16.91 3.69 -5.31
CA GLY B 233 -18.26 3.83 -5.88
C GLY B 233 -18.65 5.29 -6.09
N GLU B 234 -17.66 6.12 -6.38
CA GLU B 234 -17.89 7.55 -6.60
C GLU B 234 -16.74 8.19 -7.37
N GLU B 235 -16.97 9.40 -7.87
CA GLU B 235 -15.97 10.11 -8.65
C GLU B 235 -15.16 11.13 -7.88
N PRO B 236 -13.89 11.30 -8.27
CA PRO B 236 -13.01 12.27 -7.61
C PRO B 236 -13.48 13.66 -8.01
N ILE B 237 -13.39 14.61 -7.09
CA ILE B 237 -13.81 15.96 -7.43
C ILE B 237 -12.60 16.86 -7.52
N GLU B 238 -11.43 16.29 -7.24
CA GLU B 238 -10.20 17.08 -7.22
C GLU B 238 -8.98 16.17 -7.22
N VAL B 239 -7.92 16.54 -7.93
CA VAL B 239 -6.70 15.74 -7.97
C VAL B 239 -5.42 16.56 -7.87
N ARG B 240 -4.39 15.95 -7.29
CA ARG B 240 -3.08 16.57 -7.16
C ARG B 240 -2.09 15.51 -7.62
N ALA B 241 -0.92 15.90 -8.09
CA ALA B 241 0.03 14.90 -8.56
C ALA B 241 1.44 15.43 -8.74
N TYR B 242 2.38 14.49 -8.86
CA TYR B 242 3.79 14.79 -9.04
C TYR B 242 4.41 13.58 -9.71
N THR B 243 5.24 13.82 -10.72
CA THR B 243 5.89 12.73 -11.43
C THR B 243 7.39 12.98 -11.50
N TYR B 244 8.16 11.90 -11.62
CA TYR B 244 9.60 11.99 -11.72
C TYR B 244 10.17 10.80 -12.45
N SER B 245 11.21 11.04 -13.25
CA SER B 245 11.87 9.99 -14.00
C SER B 245 13.35 10.34 -14.11
N ASP B 246 14.19 9.33 -13.89
CA ASP B 246 15.64 9.51 -14.00
C ASP B 246 15.92 10.07 -15.39
N PRO B 247 16.55 11.26 -15.46
CA PRO B 247 16.89 11.93 -16.71
C PRO B 247 17.92 11.22 -17.59
N ASN B 248 18.70 10.31 -17.02
CA ASN B 248 19.70 9.61 -17.82
C ASN B 248 19.21 8.28 -18.35
N ASP B 249 17.95 7.95 -18.07
CA ASP B 249 17.40 6.68 -18.51
C ASP B 249 16.72 6.82 -19.87
N GLU B 250 17.27 6.15 -20.88
CA GLU B 250 16.75 6.20 -22.25
C GLU B 250 15.26 5.85 -22.41
N ARG B 251 14.71 5.13 -21.43
CA ARG B 251 13.30 4.72 -21.48
C ARG B 251 12.33 5.86 -21.27
N PHE B 252 12.73 6.85 -20.48
CA PHE B 252 11.83 7.93 -20.16
C PHE B 252 12.05 9.29 -20.79
N VAL B 253 12.57 9.29 -22.02
CA VAL B 253 12.82 10.54 -22.73
C VAL B 253 11.50 11.28 -23.01
N GLU B 254 10.48 10.52 -23.38
CA GLU B 254 9.21 11.12 -23.72
C GLU B 254 8.03 10.80 -22.80
N VAL B 255 8.05 9.66 -22.12
CA VAL B 255 6.94 9.32 -21.24
C VAL B 255 7.46 9.23 -19.81
N GLU B 256 6.56 9.34 -18.84
CA GLU B 256 7.00 9.28 -17.45
C GLU B 256 7.14 7.85 -16.92
N ASP B 257 8.06 7.70 -16.00
CA ASP B 257 8.34 6.42 -15.35
C ASP B 257 7.46 6.32 -14.10
N ARG B 258 7.79 7.13 -13.10
CA ARG B 258 7.00 7.13 -11.87
C ARG B 258 6.15 8.39 -11.73
N ILE B 259 4.92 8.21 -11.27
CA ILE B 259 4.00 9.32 -11.08
C ILE B 259 3.06 8.96 -9.93
N ILE B 260 2.80 9.94 -9.08
CA ILE B 260 1.97 9.75 -7.91
C ILE B 260 0.81 10.75 -7.92
N TRP B 261 -0.38 10.30 -7.54
CA TRP B 261 -1.55 11.19 -7.52
C TRP B 261 -2.43 11.03 -6.26
N GLN B 262 -3.03 12.14 -5.85
CA GLN B 262 -3.91 12.19 -4.69
C GLN B 262 -5.26 12.70 -5.13
N MET B 263 -6.31 12.17 -4.53
CA MET B 263 -7.65 12.57 -4.91
C MET B 263 -8.53 12.69 -3.67
N ARG B 264 -9.56 13.53 -3.79
CA ARG B 264 -10.54 13.72 -2.73
C ARG B 264 -11.89 13.50 -3.38
N PHE B 265 -12.79 12.82 -2.69
CA PHE B 265 -14.10 12.52 -3.25
C PHE B 265 -15.20 13.26 -2.49
N ARG B 266 -16.35 13.42 -3.15
CA ARG B 266 -17.50 14.10 -2.57
C ARG B 266 -17.86 13.58 -1.19
N SER B 267 -17.71 12.27 -0.98
CA SER B 267 -18.03 11.66 0.32
C SER B 267 -17.02 12.09 1.38
N GLY B 268 -15.87 12.58 0.94
CA GLY B 268 -14.85 13.01 1.86
C GLY B 268 -13.66 12.08 1.88
N ALA B 269 -13.79 10.91 1.24
CA ALA B 269 -12.71 9.93 1.20
C ALA B 269 -11.48 10.49 0.52
N LEU B 270 -10.32 9.92 0.82
CA LEU B 270 -9.09 10.36 0.17
C LEU B 270 -8.42 9.14 -0.44
N SER B 271 -7.52 9.37 -1.39
CA SER B 271 -6.78 8.29 -2.03
C SER B 271 -5.40 8.78 -2.44
N HIS B 272 -4.46 7.85 -2.53
CA HIS B 272 -3.10 8.19 -2.97
C HIS B 272 -2.52 6.95 -3.61
N GLY B 273 -2.11 7.08 -4.86
CA GLY B 273 -1.53 5.96 -5.57
C GLY B 273 -0.41 6.34 -6.52
N ALA B 274 0.21 5.33 -7.11
CA ALA B 274 1.29 5.57 -8.03
C ALA B 274 1.44 4.41 -9.02
N SER B 275 2.15 4.68 -10.11
CA SER B 275 2.42 3.66 -11.10
C SER B 275 3.90 3.81 -11.41
N SER B 276 4.54 2.69 -11.73
CA SER B 276 5.97 2.69 -12.00
C SER B 276 6.38 1.82 -13.19
N TYR B 277 7.27 2.36 -14.01
CA TYR B 277 7.82 1.66 -15.16
C TYR B 277 9.26 1.19 -14.82
N SER B 278 9.71 1.43 -13.59
CA SER B 278 11.07 1.05 -13.21
C SER B 278 11.22 0.10 -12.03
N THR B 279 10.11 -0.38 -11.49
CA THR B 279 10.18 -1.32 -10.36
C THR B 279 9.41 -2.58 -10.68
N THR B 280 9.64 -3.64 -9.90
CA THR B 280 8.98 -4.90 -10.16
C THR B 280 7.49 -4.97 -9.85
N THR B 281 6.87 -5.94 -10.49
CA THR B 281 5.45 -6.25 -10.41
C THR B 281 4.75 -5.97 -9.09
N THR B 282 3.90 -4.97 -9.14
CA THR B 282 3.12 -4.59 -7.99
C THR B 282 1.74 -4.31 -8.52
N SER B 283 0.74 -4.79 -7.81
CA SER B 283 -0.66 -4.61 -8.16
C SER B 283 -1.33 -4.78 -6.81
N ARG B 284 -1.40 -3.68 -6.07
CA ARG B 284 -1.94 -3.72 -4.73
C ARG B 284 -2.90 -2.57 -4.42
N PHE B 285 -4.14 -2.90 -4.06
CA PHE B 285 -5.17 -1.92 -3.72
C PHE B 285 -5.55 -2.03 -2.25
N SER B 286 -5.58 -0.89 -1.57
CA SER B 286 -5.95 -0.88 -0.16
C SER B 286 -7.12 0.08 0.02
N VAL B 287 -8.17 -0.38 0.71
CA VAL B 287 -9.34 0.44 0.97
C VAL B 287 -9.62 0.46 2.47
N GLN B 288 -9.25 1.56 3.12
CA GLN B 288 -9.44 1.71 4.56
C GLN B 288 -10.81 2.25 4.94
N GLY B 289 -11.54 1.47 5.75
CA GLY B 289 -12.84 1.91 6.21
C GLY B 289 -12.70 2.07 7.72
N ASP B 290 -13.72 2.60 8.39
CA ASP B 290 -13.61 2.79 9.82
C ASP B 290 -13.98 1.54 10.60
N LYS B 291 -14.42 0.49 9.90
CA LYS B 291 -14.77 -0.77 10.57
C LYS B 291 -13.83 -1.90 10.13
N ALA B 292 -13.25 -1.75 8.94
CA ALA B 292 -12.33 -2.75 8.41
C ALA B 292 -11.46 -2.20 7.29
N VAL B 293 -10.41 -2.96 6.96
CA VAL B 293 -9.48 -2.59 5.90
C VAL B 293 -9.41 -3.72 4.87
N LEU B 294 -9.54 -3.36 3.60
CA LEU B 294 -9.50 -4.33 2.52
C LEU B 294 -8.18 -4.28 1.74
N LEU B 295 -7.50 -5.42 1.62
CA LEU B 295 -6.24 -5.50 0.89
C LEU B 295 -6.37 -6.41 -0.34
N MET B 296 -6.19 -5.84 -1.52
CA MET B 296 -6.29 -6.62 -2.75
C MET B 296 -4.86 -6.78 -3.23
N ASP B 297 -4.35 -8.01 -3.22
CA ASP B 297 -2.96 -8.23 -3.59
C ASP B 297 -2.69 -9.71 -3.90
N PRO B 298 -2.51 -10.06 -5.20
CA PRO B 298 -2.57 -9.18 -6.37
C PRO B 298 -3.96 -8.57 -6.49
N ALA B 299 -4.02 -7.34 -6.97
CA ALA B 299 -5.28 -6.63 -7.14
C ALA B 299 -5.86 -6.80 -8.54
N THR B 300 -5.02 -6.62 -9.57
CA THR B 300 -5.47 -6.71 -10.95
C THR B 300 -4.68 -7.68 -11.83
N GLY B 301 -4.30 -8.82 -11.27
CA GLY B 301 -3.55 -9.78 -12.04
C GLY B 301 -4.37 -10.47 -13.10
N TYR B 302 -3.69 -11.04 -14.09
CA TYR B 302 -4.34 -11.80 -15.14
C TYR B 302 -4.85 -13.05 -14.42
N TYR B 303 -4.09 -13.46 -13.40
CA TYR B 303 -4.40 -14.64 -12.59
C TYR B 303 -4.09 -14.41 -11.11
N GLN B 304 -4.45 -15.42 -10.32
CA GLN B 304 -4.14 -15.45 -8.90
C GLN B 304 -4.47 -14.24 -8.04
N ASN B 305 -5.55 -13.52 -8.34
CA ASN B 305 -5.90 -12.38 -7.52
C ASN B 305 -6.24 -12.89 -6.12
N LEU B 306 -6.04 -12.04 -5.12
CA LEU B 306 -6.33 -12.42 -3.74
C LEU B 306 -6.71 -11.17 -2.97
N ILE B 307 -7.78 -11.26 -2.20
CA ILE B 307 -8.22 -10.11 -1.42
C ILE B 307 -8.32 -10.54 0.04
N SER B 308 -8.24 -9.58 0.95
CA SER B 308 -8.29 -9.87 2.37
C SER B 308 -8.90 -8.72 3.19
N VAL B 309 -9.84 -9.07 4.07
CA VAL B 309 -10.46 -8.07 4.92
C VAL B 309 -9.84 -8.24 6.31
N GLN B 310 -9.07 -7.24 6.72
CA GLN B 310 -8.36 -7.27 7.99
C GLN B 310 -8.93 -6.41 9.12
N THR B 311 -8.88 -6.95 10.33
CA THR B 311 -9.29 -6.26 11.55
C THR B 311 -8.31 -6.77 12.59
N PRO B 312 -8.13 -6.05 13.70
CA PRO B 312 -7.17 -6.55 14.71
C PRO B 312 -7.46 -8.01 15.06
N GLY B 313 -6.48 -8.87 14.80
CA GLY B 313 -6.64 -10.28 15.08
C GLY B 313 -7.23 -11.14 13.96
N HIS B 314 -7.51 -10.56 12.79
CA HIS B 314 -8.09 -11.36 11.70
C HIS B 314 -7.70 -10.96 10.27
N ALA B 315 -7.69 -11.95 9.39
CA ALA B 315 -7.37 -11.75 7.97
C ALA B 315 -8.22 -12.75 7.20
N ASN B 316 -9.37 -12.30 6.73
CA ASN B 316 -10.26 -13.18 5.97
C ASN B 316 -9.94 -13.08 4.48
N GLN B 317 -9.30 -14.12 3.97
CA GLN B 317 -8.89 -14.15 2.58
C GLN B 317 -9.90 -14.80 1.63
N SER B 318 -9.91 -14.30 0.39
CA SER B 318 -10.78 -14.82 -0.65
C SER B 318 -10.00 -14.82 -1.95
N MET B 319 -10.13 -15.91 -2.70
CA MET B 319 -9.47 -16.08 -3.97
C MET B 319 -10.30 -17.12 -4.74
N MET B 320 -9.95 -17.38 -5.98
CA MET B 320 -10.68 -18.37 -6.76
C MET B 320 -10.51 -19.73 -6.09
N PRO B 321 -11.56 -20.57 -6.11
CA PRO B 321 -11.51 -21.90 -5.50
C PRO B 321 -10.47 -22.79 -6.18
N GLN B 322 -10.14 -23.92 -5.55
CA GLN B 322 -9.15 -24.83 -6.11
C GLN B 322 -9.73 -25.92 -7.03
N PHE B 323 -11.02 -26.18 -6.92
CA PHE B 323 -11.64 -27.21 -7.74
C PHE B 323 -12.80 -26.67 -8.56
N ILE B 324 -13.59 -25.79 -7.98
CA ILE B 324 -14.73 -25.21 -8.69
C ILE B 324 -14.38 -23.84 -9.27
N MET B 325 -15.16 -23.43 -10.26
CA MET B 325 -14.97 -22.14 -10.92
C MET B 325 -16.36 -21.51 -11.01
N PRO B 326 -16.78 -20.82 -9.93
CA PRO B 326 -18.09 -20.16 -9.82
C PRO B 326 -18.41 -19.16 -10.92
N ALA B 327 -17.38 -18.47 -11.42
CA ALA B 327 -17.59 -17.50 -12.48
C ALA B 327 -16.49 -17.59 -13.52
N ASN B 328 -16.80 -17.14 -14.74
CA ASN B 328 -15.84 -17.18 -15.83
C ASN B 328 -14.70 -16.18 -15.62
N ASN B 329 -13.57 -16.42 -16.26
CA ASN B 329 -12.43 -15.52 -16.13
C ASN B 329 -12.73 -14.19 -16.83
N GLN B 330 -12.01 -13.14 -16.42
CA GLN B 330 -12.18 -11.79 -16.94
C GLN B 330 -12.04 -11.62 -18.47
N PHE B 331 -11.15 -12.38 -19.07
CA PHE B 331 -10.96 -12.25 -20.51
C PHE B 331 -12.18 -12.75 -21.26
N SER B 332 -12.61 -13.98 -20.94
CA SER B 332 -13.78 -14.56 -21.58
C SER B 332 -15.05 -13.78 -21.25
N ALA B 333 -15.22 -13.42 -19.99
CA ALA B 333 -16.40 -12.67 -19.56
C ALA B 333 -16.48 -11.34 -20.29
N GLN B 334 -15.37 -10.60 -20.36
CA GLN B 334 -15.36 -9.32 -21.05
C GLN B 334 -15.87 -9.48 -22.50
N LEU B 335 -15.33 -10.49 -23.17
CA LEU B 335 -15.70 -10.78 -24.54
C LEU B 335 -17.20 -11.13 -24.67
N ASP B 336 -17.72 -11.96 -23.77
CA ASP B 336 -19.14 -12.33 -23.81
C ASP B 336 -20.05 -11.19 -23.37
N HIS B 337 -19.52 -10.24 -22.60
CA HIS B 337 -20.31 -9.11 -22.13
C HIS B 337 -20.83 -8.25 -23.30
N LEU B 338 -19.95 -7.92 -24.24
CA LEU B 338 -20.40 -7.14 -25.39
C LEU B 338 -21.41 -7.99 -26.16
N ALA B 339 -21.08 -9.26 -26.37
CA ALA B 339 -21.94 -10.18 -27.09
C ALA B 339 -23.35 -10.20 -26.52
N GLU B 340 -23.46 -10.47 -25.22
CA GLU B 340 -24.75 -10.52 -24.57
C GLU B 340 -25.48 -9.18 -24.68
N ALA B 341 -24.74 -8.06 -24.57
CA ALA B 341 -25.38 -6.75 -24.65
C ALA B 341 -26.07 -6.56 -25.98
N VAL B 342 -25.40 -6.94 -27.06
CA VAL B 342 -26.00 -6.80 -28.38
C VAL B 342 -27.23 -7.69 -28.51
N ILE B 343 -27.07 -8.95 -28.14
CA ILE B 343 -28.14 -9.94 -28.22
C ILE B 343 -29.35 -9.64 -27.34
N ASN B 344 -29.11 -9.07 -26.16
CA ASN B 344 -30.20 -8.76 -25.24
C ASN B 344 -30.66 -7.33 -25.36
N ASN B 345 -30.07 -6.59 -26.30
CA ASN B 345 -30.42 -5.19 -26.49
C ASN B 345 -30.29 -4.47 -25.15
N LYS B 346 -29.09 -4.51 -24.59
CA LYS B 346 -28.80 -3.88 -23.30
C LYS B 346 -27.49 -3.09 -23.34
N PRO B 347 -27.39 -2.05 -22.51
CA PRO B 347 -26.16 -1.24 -22.48
C PRO B 347 -24.98 -2.01 -21.90
N VAL B 348 -23.77 -1.62 -22.29
CA VAL B 348 -22.58 -2.27 -21.77
C VAL B 348 -22.24 -1.67 -20.40
N ARG B 349 -21.45 -2.39 -19.61
CA ARG B 349 -21.04 -1.91 -18.29
C ARG B 349 -19.78 -1.05 -18.39
N SER B 350 -19.06 -1.18 -19.50
CA SER B 350 -17.84 -0.42 -19.69
C SER B 350 -17.97 0.38 -20.99
N PRO B 351 -18.90 1.34 -21.01
CA PRO B 351 -19.11 2.15 -22.22
C PRO B 351 -18.02 3.15 -22.52
N GLY B 352 -18.07 3.69 -23.74
CA GLY B 352 -17.12 4.70 -24.15
C GLY B 352 -17.04 5.83 -23.14
N GLU B 353 -18.17 6.18 -22.53
CA GLU B 353 -18.21 7.23 -21.51
C GLU B 353 -17.31 6.91 -20.32
N GLU B 354 -17.26 5.64 -19.93
CA GLU B 354 -16.41 5.22 -18.80
C GLU B 354 -14.95 5.37 -19.21
N GLY B 355 -14.62 4.93 -20.42
CA GLY B 355 -13.26 5.08 -20.90
C GLY B 355 -12.86 6.55 -20.98
N MET B 356 -13.82 7.41 -21.30
CA MET B 356 -13.53 8.83 -21.42
C MET B 356 -13.29 9.50 -20.06
N GLN B 357 -14.06 9.09 -19.06
CA GLN B 357 -13.90 9.64 -17.72
C GLN B 357 -12.45 9.43 -17.27
N ASP B 358 -11.90 8.25 -17.53
CA ASP B 358 -10.52 7.97 -17.15
C ASP B 358 -9.52 8.84 -17.91
N VAL B 359 -9.68 8.91 -19.23
CA VAL B 359 -8.78 9.73 -20.06
C VAL B 359 -8.84 11.19 -19.57
N ARG B 360 -10.04 11.63 -19.22
CA ARG B 360 -10.24 12.98 -18.74
C ARG B 360 -9.53 13.19 -17.40
N LEU B 361 -9.64 12.20 -16.51
CA LEU B 361 -9.02 12.28 -15.21
C LEU B 361 -7.50 12.25 -15.34
N ILE B 362 -6.99 11.36 -16.20
CA ILE B 362 -5.56 11.25 -16.40
C ILE B 362 -5.05 12.59 -16.92
N GLN B 363 -5.88 13.24 -17.72
CA GLN B 363 -5.52 14.55 -18.26
C GLN B 363 -5.36 15.52 -17.09
N ALA B 364 -6.33 15.50 -16.17
CA ALA B 364 -6.27 16.38 -15.00
C ALA B 364 -5.02 16.09 -14.18
N ILE B 365 -4.75 14.81 -13.97
CA ILE B 365 -3.59 14.38 -13.21
C ILE B 365 -2.27 14.83 -13.81
N TYR B 366 -2.16 14.75 -15.14
CA TYR B 366 -0.95 15.19 -15.80
C TYR B 366 -0.83 16.69 -15.66
N GLU B 367 -1.96 17.38 -15.76
CA GLU B 367 -1.99 18.82 -15.66
C GLU B 367 -1.50 19.25 -14.27
N ALA B 368 -1.99 18.55 -13.25
CA ALA B 368 -1.65 18.85 -11.87
C ALA B 368 -0.18 18.63 -11.58
N ALA B 369 0.39 17.56 -12.12
CA ALA B 369 1.81 17.29 -11.91
C ALA B 369 2.63 18.33 -12.67
N ARG B 370 2.11 18.79 -13.80
CA ARG B 370 2.82 19.78 -14.61
C ARG B 370 2.88 21.16 -13.94
N THR B 371 1.74 21.59 -13.38
CA THR B 371 1.65 22.90 -12.74
C THR B 371 1.93 22.89 -11.24
N GLY B 372 1.90 21.70 -10.64
CA GLY B 372 2.14 21.58 -9.21
C GLY B 372 0.97 22.13 -8.42
N ARG B 373 -0.22 22.09 -9.01
CA ARG B 373 -1.41 22.60 -8.36
C ARG B 373 -2.56 21.62 -8.47
N PRO B 374 -3.56 21.72 -7.58
CA PRO B 374 -4.69 20.79 -7.66
C PRO B 374 -5.59 21.17 -8.81
N VAL B 375 -6.11 20.17 -9.51
CA VAL B 375 -7.01 20.42 -10.62
C VAL B 375 -8.39 19.92 -10.21
N ASN B 376 -9.39 20.77 -10.36
CA ASN B 376 -10.79 20.46 -10.01
C ASN B 376 -11.38 19.50 -11.03
N THR B 377 -11.95 18.38 -10.58
CA THR B 377 -12.53 17.43 -11.53
C THR B 377 -14.01 17.19 -11.26
N ASP B 378 -14.63 18.15 -10.59
CA ASP B 378 -16.04 18.10 -10.23
C ASP B 378 -16.91 18.42 -11.43
N TRP B 379 -16.76 17.66 -12.51
CA TRP B 379 -17.53 17.90 -13.73
C TRP B 379 -18.81 17.08 -13.94
N GLY B 380 -19.26 16.40 -12.90
CA GLY B 380 -20.50 15.64 -13.00
C GLY B 380 -20.62 14.38 -13.83
N TYR B 381 -19.58 13.56 -13.88
CA TYR B 381 -19.69 12.31 -14.60
C TYR B 381 -20.58 11.45 -13.74
N VAL B 382 -21.46 10.68 -14.36
CA VAL B 382 -22.37 9.80 -13.62
C VAL B 382 -22.27 8.39 -14.18
N ARG B 383 -21.90 7.44 -13.33
CA ARG B 383 -21.73 6.03 -13.72
C ARG B 383 -23.06 5.36 -14.05
N GLN B 384 -23.37 5.25 -15.33
CA GLN B 384 -24.62 4.62 -15.74
C GLN B 384 -24.56 3.11 -15.52
N GLY B 385 -25.44 2.59 -14.67
CA GLY B 385 -25.46 1.17 -14.41
C GLY B 385 -24.63 0.73 -13.21
N GLY B 386 -24.25 1.66 -12.37
CA GLY B 386 -23.47 1.32 -11.20
C GLY B 386 -22.02 0.99 -11.54
N TYR B 387 -21.21 0.75 -10.53
CA TYR B 387 -19.80 0.44 -10.73
C TYR B 387 -19.49 -1.05 -10.75
#